data_3CKC
#
_entry.id   3CKC
#
_cell.length_a   62.196
_cell.length_b   68.056
_cell.length_c   83.050
_cell.angle_alpha   111.090
_cell.angle_beta   93.170
_cell.angle_gamma   109.170
#
_symmetry.space_group_name_H-M   'P 1'
#
loop_
_entity.id
_entity.type
_entity.pdbx_description
1 polymer SusD
2 non-polymer 'CALCIUM ION'
3 non-polymer 1,2-ETHANEDIOL
4 non-polymer '2-(N-MORPHOLINO)-ETHANESULFONIC ACID'
5 non-polymer DI(HYDROXYETHYL)ETHER
6 water water
#
_entity_poly.entity_id   1
_entity_poly.type   'polypeptide(L)'
_entity_poly.pdbx_seq_one_letter_code
;GINDLDISPIDPQTGGSFDQQGVFVKGYAMLGVTGQKGIDGSPDLDGQDEGESGFYRTTFNCNELPTDECLWAWQKNQDI
PQLTSISWSPSSQRTEWVYVRLGYDITQYNFFLDQTEGMTDAETLRQRAEIRFLRALHYWYFLDLFGKAPFKEHFSNDLP
VEKKGTELYTYIQNELNEIEADMYEPRQAPFGRADKAANWLLRARLYLNAGVYTGQTDYAKAEEYASKVIGSAYKLCTNY
SELFMADNDENENAMQEIILPIRQDGVKTRNYGGSTYLVCGTRVAGMPRMGTTNGWS(CSO)IFARAAMVQKFFSNLEDV
PMLPADVEIPTKGLDTDEQIDAFDAEHGIRTEDMIKAAGDDRALLYSGVGGGRRKIQTDAISGFTDGLSIVKWQNYRSDG
KPVSHATYPDTDIPLFRLAEAYLTRAEAIFRQGGDATGDINELRKRANCTRKVQTVTEQELIDEWAREFYLEGRRRSDLV
RFGMFTTNKYLWDWKGGAMNGTSVASYYNKYPIPVSDINNNRNMSQNEGYK
;
_entity_poly.pdbx_strand_id   A,B
#
# COMPACT_ATOMS: atom_id res chain seq x y z
N SER A 17 -20.80 -12.39 47.38
CA SER A 17 -19.45 -12.72 47.92
C SER A 17 -18.35 -12.10 47.04
N PHE A 18 -17.14 -12.03 47.59
CA PHE A 18 -16.00 -11.46 46.87
C PHE A 18 -15.59 -12.34 45.70
N ASP A 19 -15.72 -11.80 44.49
CA ASP A 19 -15.33 -12.51 43.28
C ASP A 19 -13.92 -12.04 42.94
N GLN A 20 -12.92 -12.75 43.44
CA GLN A 20 -11.52 -12.39 43.22
C GLN A 20 -11.19 -12.17 41.74
N GLN A 21 -11.57 -13.12 40.90
CA GLN A 21 -11.29 -13.01 39.47
C GLN A 21 -11.98 -11.80 38.86
N GLY A 22 -13.25 -11.60 39.23
CA GLY A 22 -13.99 -10.46 38.70
C GLY A 22 -13.38 -9.14 39.09
N VAL A 23 -13.01 -9.00 40.36
CA VAL A 23 -12.40 -7.77 40.85
C VAL A 23 -11.04 -7.55 40.20
N PHE A 24 -10.28 -8.62 40.00
CA PHE A 24 -8.96 -8.50 39.38
C PHE A 24 -9.13 -7.96 37.95
N VAL A 25 -10.06 -8.58 37.22
CA VAL A 25 -10.34 -8.17 35.84
C VAL A 25 -10.75 -6.70 35.80
N LYS A 26 -11.56 -6.28 36.77
CA LYS A 26 -12.01 -4.89 36.82
C LYS A 26 -10.83 -3.96 37.09
N GLY A 27 -9.88 -4.45 37.88
CA GLY A 27 -8.71 -3.65 38.19
C GLY A 27 -8.04 -3.16 36.93
N TYR A 28 -7.88 -4.07 35.97
CA TYR A 28 -7.26 -3.72 34.69
C TYR A 28 -8.24 -3.00 33.78
N ALA A 29 -9.51 -3.39 33.82
CA ALA A 29 -10.53 -2.76 32.98
C ALA A 29 -10.65 -1.26 33.23
N MET A 30 -10.38 -0.84 34.46
CA MET A 30 -10.47 0.57 34.80
C MET A 30 -9.50 1.44 34.00
N LEU A 31 -8.48 0.83 33.41
CA LEU A 31 -7.53 1.60 32.62
C LEU A 31 -8.13 1.98 31.27
N GLY A 32 -9.04 1.17 30.77
CA GLY A 32 -9.58 1.46 29.45
C GLY A 32 -11.07 1.66 29.23
N VAL A 33 -11.87 1.67 30.30
CA VAL A 33 -13.30 1.85 30.12
C VAL A 33 -13.97 2.37 31.39
N THR A 34 -15.15 2.97 31.21
CA THR A 34 -15.92 3.49 32.34
C THR A 34 -17.13 2.59 32.53
N GLY A 35 -17.81 2.73 33.66
CA GLY A 35 -18.98 1.92 33.92
C GLY A 35 -20.19 2.37 33.12
N ASP A 46 -24.56 14.74 36.62
CA ASP A 46 -23.90 14.40 35.37
C ASP A 46 -23.00 15.54 34.91
N GLY A 47 -23.31 16.12 33.75
CA GLY A 47 -22.49 17.21 33.23
C GLY A 47 -21.16 16.60 32.83
N GLN A 48 -21.23 15.37 32.34
CA GLN A 48 -20.05 14.62 31.90
C GLN A 48 -20.54 13.59 30.89
N ASP A 49 -20.13 13.73 29.64
CA ASP A 49 -20.55 12.81 28.58
C ASP A 49 -20.07 11.38 28.80
N GLU A 50 -20.54 10.48 27.93
CA GLU A 50 -20.18 9.06 28.03
C GLU A 50 -18.68 8.81 28.03
N GLY A 51 -18.21 8.11 29.06
CA GLY A 51 -16.79 7.78 29.15
C GLY A 51 -15.86 8.92 29.54
N GLU A 52 -16.43 10.08 29.81
CA GLU A 52 -15.63 11.26 30.19
C GLU A 52 -14.84 11.12 31.49
N SER A 53 -15.31 10.28 32.40
CA SER A 53 -14.64 10.08 33.69
C SER A 53 -13.50 9.09 33.57
N GLY A 54 -13.35 8.50 32.39
CA GLY A 54 -12.32 7.51 32.16
C GLY A 54 -10.89 7.85 32.57
N PHE A 55 -10.20 6.86 33.10
CA PHE A 55 -8.81 7.01 33.50
C PHE A 55 -7.96 7.54 32.35
N TYR A 56 -8.12 6.95 31.18
CA TYR A 56 -7.33 7.38 30.03
C TYR A 56 -7.66 8.76 29.51
N ARG A 57 -8.93 9.04 29.26
CA ARG A 57 -9.32 10.35 28.74
C ARG A 57 -8.94 11.50 29.67
N THR A 58 -9.23 11.35 30.96
CA THR A 58 -8.92 12.41 31.92
C THR A 58 -7.43 12.67 32.05
N THR A 59 -6.63 11.61 32.15
CA THR A 59 -5.18 11.78 32.26
C THR A 59 -4.60 12.28 30.94
N PHE A 60 -5.11 11.75 29.84
CA PHE A 60 -4.65 12.17 28.52
C PHE A 60 -4.88 13.67 28.33
N ASN A 61 -6.10 14.13 28.61
CA ASN A 61 -6.41 15.54 28.44
C ASN A 61 -5.57 16.47 29.29
N CYS A 62 -5.32 16.09 30.55
CA CYS A 62 -4.51 16.92 31.43
C CYS A 62 -3.06 16.98 30.95
N ASN A 63 -2.61 15.94 30.26
CA ASN A 63 -1.25 15.91 29.75
C ASN A 63 -1.11 16.29 28.27
N GLU A 64 -2.22 16.57 27.60
CA GLU A 64 -2.21 16.91 26.17
C GLU A 64 -2.85 18.23 25.77
N LEU A 65 -4.08 18.48 26.22
CA LEU A 65 -4.79 19.70 25.84
C LEU A 65 -4.07 21.02 26.09
N PRO A 66 -3.25 21.12 27.16
CA PRO A 66 -2.55 22.39 27.43
C PRO A 66 -1.20 22.46 26.73
N THR A 67 -0.81 21.40 26.04
CA THR A 67 0.49 21.33 25.40
C THR A 67 0.58 21.78 23.95
N ASP A 68 1.77 21.61 23.38
CA ASP A 68 2.04 21.98 21.99
C ASP A 68 1.58 20.93 21.00
N GLU A 69 1.08 19.80 21.49
CA GLU A 69 0.66 18.75 20.56
C GLU A 69 -0.71 18.87 19.93
N CYS A 70 -1.69 19.37 20.68
CA CYS A 70 -3.03 19.46 20.11
C CYS A 70 -3.91 20.53 20.72
N LEU A 71 -5.05 20.75 20.07
CA LEU A 71 -6.03 21.74 20.49
C LEU A 71 -7.44 21.17 20.43
N TRP A 72 -8.26 21.53 21.41
CA TRP A 72 -9.66 21.11 21.44
C TRP A 72 -10.35 22.15 20.56
N ALA A 73 -10.99 21.69 19.50
CA ALA A 73 -11.64 22.57 18.54
C ALA A 73 -12.85 23.38 19.00
N TRP A 74 -13.53 22.94 20.05
CA TRP A 74 -14.71 23.63 20.53
C TRP A 74 -14.49 24.33 21.87
N GLN A 75 -13.95 25.54 21.79
CA GLN A 75 -13.63 26.33 22.97
C GLN A 75 -14.81 26.79 23.82
N LYS A 76 -16.04 26.58 23.35
CA LYS A 76 -17.21 26.97 24.14
C LYS A 76 -17.50 25.95 25.23
N ASN A 77 -16.89 24.78 25.12
CA ASN A 77 -17.08 23.72 26.10
C ASN A 77 -16.48 24.13 27.44
N GLN A 78 -17.16 23.77 28.53
CA GLN A 78 -16.70 24.13 29.87
C GLN A 78 -15.29 23.66 30.21
N ASP A 79 -14.51 24.58 30.77
CA ASP A 79 -13.15 24.35 31.21
C ASP A 79 -12.13 24.11 30.09
N ILE A 80 -12.58 24.12 28.84
CA ILE A 80 -11.66 23.92 27.71
C ILE A 80 -10.72 25.11 27.52
N PRO A 81 -11.25 26.35 27.60
CA PRO A 81 -10.31 27.46 27.41
C PRO A 81 -9.22 27.42 28.48
N GLN A 82 -9.61 27.01 29.69
CA GLN A 82 -8.67 26.92 30.81
C GLN A 82 -7.57 25.90 30.57
N LEU A 83 -7.96 24.69 30.17
CA LEU A 83 -6.96 23.65 29.90
C LEU A 83 -6.12 24.02 28.68
N THR A 84 -6.76 24.59 27.67
CA THR A 84 -6.08 24.97 26.44
C THR A 84 -4.98 26.01 26.67
N SER A 85 -5.28 27.01 27.50
CA SER A 85 -4.33 28.09 27.75
C SER A 85 -3.45 27.98 28.99
N ILE A 86 -3.71 26.98 29.82
CA ILE A 86 -2.98 26.79 31.08
C ILE A 86 -3.39 27.95 31.99
N SER A 87 -4.70 28.07 32.22
CA SER A 87 -5.25 29.14 33.04
C SER A 87 -6.40 28.67 33.91
N TRP A 88 -6.32 27.41 34.36
CA TRP A 88 -7.36 26.82 35.20
C TRP A 88 -7.23 27.26 36.66
N SER A 89 -8.26 26.95 37.44
CA SER A 89 -8.28 27.29 38.86
C SER A 89 -8.70 26.04 39.63
N PRO A 90 -8.70 26.11 40.98
CA PRO A 90 -9.09 24.95 41.78
C PRO A 90 -10.51 24.45 41.51
N SER A 91 -11.32 25.26 40.82
CA SER A 91 -12.68 24.88 40.50
C SER A 91 -12.75 24.18 39.15
N SER A 92 -11.59 23.87 38.59
CA SER A 92 -11.49 23.20 37.29
C SER A 92 -12.22 21.86 37.27
N GLN A 93 -13.16 21.73 36.35
CA GLN A 93 -13.94 20.51 36.20
C GLN A 93 -13.04 19.37 35.72
N ARG A 94 -12.25 19.63 34.69
CA ARG A 94 -11.35 18.63 34.12
C ARG A 94 -10.35 18.11 35.17
N THR A 95 -9.89 19.01 36.03
CA THR A 95 -8.96 18.65 37.08
C THR A 95 -9.65 17.76 38.12
N GLU A 96 -10.88 18.11 38.49
CA GLU A 96 -11.62 17.31 39.46
C GLU A 96 -11.84 15.91 38.90
N TRP A 97 -12.17 15.84 37.61
CA TRP A 97 -12.42 14.56 36.96
C TRP A 97 -11.26 13.57 37.07
N VAL A 98 -10.05 14.04 36.75
CA VAL A 98 -8.89 13.15 36.81
C VAL A 98 -8.55 12.80 38.25
N TYR A 99 -8.69 13.77 39.15
CA TYR A 99 -8.39 13.57 40.56
C TYR A 99 -9.29 12.50 41.17
N VAL A 100 -10.59 12.64 40.93
CA VAL A 100 -11.60 11.70 41.43
C VAL A 100 -11.40 10.31 40.85
N ARG A 101 -11.05 10.24 39.57
CA ARG A 101 -10.84 8.96 38.90
C ARG A 101 -9.63 8.22 39.46
N LEU A 102 -8.51 8.92 39.58
CA LEU A 102 -7.29 8.29 40.11
C LEU A 102 -7.55 7.74 41.50
N GLY A 103 -8.16 8.54 42.36
CA GLY A 103 -8.45 8.10 43.71
C GLY A 103 -9.40 6.92 43.78
N TYR A 104 -10.45 6.95 42.96
CA TYR A 104 -11.43 5.87 42.94
C TYR A 104 -10.78 4.55 42.53
N ASP A 105 -9.97 4.58 41.48
CA ASP A 105 -9.29 3.38 41.02
C ASP A 105 -8.46 2.77 42.14
N ILE A 106 -7.75 3.63 42.87
CA ILE A 106 -6.92 3.16 43.97
C ILE A 106 -7.75 2.51 45.08
N THR A 107 -8.93 3.07 45.38
CA THR A 107 -9.74 2.46 46.43
C THR A 107 -10.08 1.02 46.05
N GLN A 108 -10.30 0.79 44.75
CA GLN A 108 -10.61 -0.55 44.27
C GLN A 108 -9.41 -1.48 44.39
N TYR A 109 -8.22 -0.95 44.07
CA TYR A 109 -7.01 -1.77 44.19
C TYR A 109 -6.76 -2.11 45.64
N ASN A 110 -7.06 -1.18 46.54
CA ASN A 110 -6.87 -1.41 47.97
C ASN A 110 -7.84 -2.47 48.46
N PHE A 111 -9.05 -2.45 47.92
CA PHE A 111 -10.08 -3.41 48.30
C PHE A 111 -9.60 -4.81 47.93
N PHE A 112 -9.16 -4.98 46.69
CA PHE A 112 -8.66 -6.28 46.23
C PHE A 112 -7.53 -6.78 47.11
N LEU A 113 -6.58 -5.91 47.44
CA LEU A 113 -5.44 -6.28 48.26
C LEU A 113 -5.84 -6.67 49.69
N ASP A 114 -6.82 -5.97 50.24
CA ASP A 114 -7.27 -6.27 51.60
C ASP A 114 -8.05 -7.59 51.64
N GLN A 115 -8.75 -7.90 50.56
CA GLN A 115 -9.54 -9.12 50.50
C GLN A 115 -8.73 -10.37 50.19
N THR A 116 -7.57 -10.20 49.59
CA THR A 116 -6.72 -11.34 49.24
C THR A 116 -5.53 -11.47 50.18
N GLU A 117 -5.50 -10.64 51.22
CA GLU A 117 -4.41 -10.66 52.17
C GLU A 117 -4.25 -12.06 52.77
N GLY A 118 -3.02 -12.55 52.82
CA GLY A 118 -2.76 -13.86 53.38
C GLY A 118 -2.76 -15.02 52.40
N MET A 119 -3.34 -14.82 51.22
CA MET A 119 -3.38 -15.88 50.22
C MET A 119 -1.99 -16.15 49.68
N THR A 120 -1.66 -17.43 49.52
CA THR A 120 -0.34 -17.82 49.06
C THR A 120 -0.26 -18.52 47.71
N ASP A 121 -1.41 -18.87 47.12
CA ASP A 121 -1.39 -19.55 45.83
C ASP A 121 -0.66 -18.71 44.77
N ALA A 122 -0.02 -19.39 43.83
CA ALA A 122 0.76 -18.74 42.78
C ALA A 122 0.05 -17.62 42.02
N GLU A 123 -1.14 -17.89 41.51
CA GLU A 123 -1.86 -16.87 40.75
C GLU A 123 -2.19 -15.65 41.58
N THR A 124 -2.57 -15.85 42.85
CA THR A 124 -2.89 -14.71 43.68
C THR A 124 -1.65 -13.86 43.96
N LEU A 125 -0.49 -14.50 44.07
CA LEU A 125 0.74 -13.74 44.29
C LEU A 125 0.99 -12.85 43.07
N ARG A 126 0.76 -13.39 41.88
CA ARG A 126 0.94 -12.60 40.67
C ARG A 126 -0.10 -11.49 40.61
N GLN A 127 -1.35 -11.82 40.92
CA GLN A 127 -2.43 -10.84 40.90
C GLN A 127 -2.17 -9.68 41.85
N ARG A 128 -1.75 -9.99 43.08
CA ARG A 128 -1.47 -8.95 44.07
C ARG A 128 -0.33 -8.06 43.62
N ALA A 129 0.71 -8.65 43.03
CA ALA A 129 1.84 -7.88 42.55
C ALA A 129 1.38 -6.94 41.44
N GLU A 130 0.59 -7.48 40.51
CA GLU A 130 0.07 -6.69 39.41
C GLU A 130 -0.84 -5.57 39.87
N ILE A 131 -1.70 -5.85 40.86
CA ILE A 131 -2.60 -4.81 41.37
C ILE A 131 -1.79 -3.72 42.06
N ARG A 132 -0.73 -4.11 42.79
CA ARG A 132 0.13 -3.12 43.44
C ARG A 132 0.83 -2.30 42.36
N PHE A 133 1.15 -2.94 41.24
CA PHE A 133 1.79 -2.24 40.14
C PHE A 133 0.84 -1.18 39.59
N LEU A 134 -0.42 -1.55 39.39
CA LEU A 134 -1.41 -0.62 38.87
C LEU A 134 -1.64 0.52 39.86
N ARG A 135 -1.62 0.21 41.15
CA ARG A 135 -1.82 1.23 42.16
C ARG A 135 -0.62 2.18 42.13
N ALA A 136 0.57 1.63 41.95
CA ALA A 136 1.79 2.42 41.88
C ALA A 136 1.74 3.34 40.67
N LEU A 137 1.21 2.84 39.56
CA LEU A 137 1.10 3.64 38.35
C LEU A 137 0.17 4.82 38.61
N HIS A 138 -0.94 4.56 39.30
CA HIS A 138 -1.91 5.60 39.61
C HIS A 138 -1.30 6.66 40.53
N TYR A 139 -0.47 6.22 41.48
CA TYR A 139 0.16 7.17 42.38
C TYR A 139 1.18 8.01 41.62
N TRP A 140 1.76 7.43 40.57
CA TRP A 140 2.72 8.19 39.76
C TRP A 140 1.98 9.33 39.09
N TYR A 141 0.77 9.06 38.61
CA TYR A 141 -0.03 10.11 37.96
C TYR A 141 -0.32 11.20 38.98
N PHE A 142 -0.67 10.82 40.20
CA PHE A 142 -0.93 11.81 41.24
C PHE A 142 0.31 12.66 41.43
N LEU A 143 1.45 11.99 41.59
CA LEU A 143 2.72 12.67 41.80
C LEU A 143 3.07 13.59 40.65
N ASP A 144 2.95 13.08 39.43
CA ASP A 144 3.29 13.86 38.24
C ASP A 144 2.37 15.04 37.97
N LEU A 145 1.07 14.85 38.23
CA LEU A 145 0.09 15.89 37.97
C LEU A 145 -0.14 16.87 39.11
N PHE A 146 -0.13 16.38 40.34
CA PHE A 146 -0.40 17.23 41.51
C PHE A 146 0.78 17.40 42.46
N GLY A 147 1.82 16.59 42.30
CA GLY A 147 2.98 16.67 43.17
C GLY A 147 2.75 16.02 44.53
N LYS A 148 1.55 15.51 44.73
CA LYS A 148 1.18 14.87 45.98
C LYS A 148 -0.06 14.02 45.72
N ALA A 149 -0.60 13.39 46.75
CA ALA A 149 -1.79 12.57 46.55
C ALA A 149 -2.52 12.21 47.82
N PRO A 150 -3.85 12.01 47.72
CA PRO A 150 -4.67 11.62 48.87
C PRO A 150 -4.27 10.17 49.07
N PHE A 151 -3.50 9.92 50.12
CA PHE A 151 -2.98 8.59 50.38
C PHE A 151 -3.77 7.68 51.31
N LYS A 152 -3.88 6.42 50.89
CA LYS A 152 -4.57 5.37 51.63
C LYS A 152 -4.04 4.05 51.08
N GLU A 153 -3.79 3.09 51.96
CA GLU A 153 -3.27 1.82 51.52
C GLU A 153 -4.28 0.71 51.74
N HIS A 154 -5.32 1.01 52.52
CA HIS A 154 -6.36 0.05 52.82
C HIS A 154 -7.73 0.62 52.51
N PHE A 155 -8.70 -0.26 52.25
CA PHE A 155 -10.06 0.15 51.94
C PHE A 155 -10.84 0.38 53.24
N SER A 156 -11.10 1.65 53.56
CA SER A 156 -11.83 1.98 54.77
C SER A 156 -12.55 3.31 54.61
N ASN A 157 -13.17 3.79 55.69
CA ASN A 157 -13.89 5.05 55.64
C ASN A 157 -13.06 6.23 56.12
N ASP A 158 -11.84 5.94 56.57
CA ASP A 158 -10.95 6.99 57.06
C ASP A 158 -10.50 7.88 55.91
N LEU A 159 -10.55 9.20 56.14
CA LEU A 159 -10.13 10.15 55.13
C LEU A 159 -8.67 9.89 54.74
N PRO A 160 -8.33 10.05 53.46
CA PRO A 160 -6.94 9.83 53.04
C PRO A 160 -6.04 10.88 53.67
N VAL A 161 -4.77 10.55 53.86
CA VAL A 161 -3.83 11.52 54.41
C VAL A 161 -2.95 11.98 53.25
N GLU A 162 -2.43 13.19 53.36
CA GLU A 162 -1.61 13.74 52.29
C GLU A 162 -0.19 13.18 52.29
N LYS A 163 0.23 12.63 51.15
CA LYS A 163 1.59 12.11 51.03
C LYS A 163 2.27 12.96 49.94
N LYS A 164 3.13 13.87 50.40
CA LYS A 164 3.85 14.80 49.53
C LYS A 164 4.85 14.15 48.58
N GLY A 165 5.37 14.98 47.68
CA GLY A 165 6.34 14.56 46.68
C GLY A 165 7.39 13.51 47.00
N THR A 166 8.48 13.92 47.66
CA THR A 166 9.56 12.99 47.99
C THR A 166 9.10 11.72 48.70
N GLU A 167 8.20 11.86 49.68
CA GLU A 167 7.71 10.68 50.39
C GLU A 167 6.93 9.80 49.42
N LEU A 168 6.12 10.42 48.59
CA LEU A 168 5.31 9.70 47.61
C LEU A 168 6.21 8.99 46.60
N TYR A 169 7.25 9.70 46.14
CA TYR A 169 8.20 9.15 45.19
C TYR A 169 8.83 7.89 45.77
N THR A 170 9.32 8.00 47.00
CA THR A 170 9.96 6.90 47.69
C THR A 170 9.01 5.71 47.83
N TYR A 171 7.76 6.00 48.16
CA TYR A 171 6.76 4.95 48.33
C TYR A 171 6.54 4.17 47.03
N ILE A 172 6.37 4.89 45.94
CA ILE A 172 6.16 4.25 44.64
C ILE A 172 7.36 3.38 44.25
N GLN A 173 8.57 3.91 44.41
CA GLN A 173 9.75 3.14 44.07
C GLN A 173 9.86 1.88 44.94
N ASN A 174 9.50 2.00 46.20
CA ASN A 174 9.56 0.85 47.11
C ASN A 174 8.55 -0.21 46.69
N GLU A 175 7.33 0.23 46.37
CA GLU A 175 6.28 -0.68 45.93
C GLU A 175 6.75 -1.50 44.74
N LEU A 176 7.26 -0.83 43.71
CA LEU A 176 7.73 -1.52 42.52
C LEU A 176 8.90 -2.45 42.81
N ASN A 177 9.77 -2.05 43.73
CA ASN A 177 10.92 -2.88 44.07
C ASN A 177 10.49 -4.16 44.80
N GLU A 178 9.54 -4.02 45.71
CA GLU A 178 9.07 -5.17 46.49
C GLU A 178 8.28 -6.20 45.70
N ILE A 179 7.51 -5.74 44.71
CA ILE A 179 6.66 -6.65 43.93
C ILE A 179 7.28 -7.29 42.69
N GLU A 180 8.44 -6.80 42.26
CA GLU A 180 9.07 -7.34 41.05
C GLU A 180 9.19 -8.85 41.01
N ALA A 181 9.68 -9.44 42.09
CA ALA A 181 9.87 -10.88 42.17
C ALA A 181 8.63 -11.74 41.91
N ASP A 182 7.45 -11.24 42.21
CA ASP A 182 6.22 -12.01 42.01
C ASP A 182 5.56 -11.80 40.65
N MET A 183 6.13 -10.94 39.82
CA MET A 183 5.56 -10.68 38.50
C MET A 183 6.08 -11.61 37.43
N TYR A 184 5.32 -11.75 36.35
CA TYR A 184 5.71 -12.58 35.21
C TYR A 184 6.99 -12.06 34.58
N GLU A 185 7.79 -12.97 34.01
CA GLU A 185 9.01 -12.56 33.32
C GLU A 185 8.53 -11.82 32.06
N PRO A 186 9.40 -11.01 31.45
CA PRO A 186 9.03 -10.26 30.25
C PRO A 186 8.35 -11.10 29.16
N ARG A 187 7.19 -10.64 28.74
CA ARG A 187 6.36 -11.26 27.69
C ARG A 187 5.76 -12.61 28.04
N GLN A 188 5.80 -12.98 29.32
CA GLN A 188 5.22 -14.25 29.73
C GLN A 188 3.83 -14.13 30.33
N ALA A 189 3.39 -12.90 30.57
CA ALA A 189 2.05 -12.71 31.11
C ALA A 189 1.02 -12.70 30.00
N PRO A 190 -0.26 -12.95 30.34
CA PRO A 190 -1.29 -12.92 29.30
C PRO A 190 -1.24 -11.50 28.73
N PHE A 191 -1.45 -11.35 27.43
CA PHE A 191 -1.40 -10.02 26.83
C PHE A 191 -2.46 -9.12 27.45
N GLY A 192 -2.02 -8.01 28.02
CA GLY A 192 -2.91 -7.09 28.70
C GLY A 192 -2.51 -6.95 30.15
N ARG A 193 -1.65 -7.85 30.62
CA ARG A 193 -1.19 -7.80 32.00
C ARG A 193 0.26 -7.35 32.11
N ALA A 194 0.59 -6.74 33.24
CA ALA A 194 1.92 -6.20 33.50
C ALA A 194 2.93 -7.24 33.97
N ASP A 195 4.12 -7.21 33.37
CA ASP A 195 5.20 -8.12 33.73
C ASP A 195 6.36 -7.34 34.35
N LYS A 196 7.48 -8.01 34.58
CA LYS A 196 8.65 -7.35 35.17
C LYS A 196 9.16 -6.18 34.36
N ALA A 197 9.02 -6.24 33.03
CA ALA A 197 9.50 -5.15 32.17
C ALA A 197 8.63 -3.90 32.35
N ALA A 198 7.35 -4.08 32.61
CA ALA A 198 6.47 -2.94 32.83
C ALA A 198 6.92 -2.27 34.13
N ASN A 199 7.31 -3.11 35.09
CA ASN A 199 7.79 -2.65 36.38
C ASN A 199 9.04 -1.79 36.18
N TRP A 200 10.03 -2.35 35.47
CA TRP A 200 11.28 -1.64 35.22
C TRP A 200 11.07 -0.34 34.46
N LEU A 201 10.20 -0.34 33.46
CA LEU A 201 9.96 0.86 32.67
C LEU A 201 9.38 1.99 33.51
N LEU A 202 8.44 1.67 34.38
CA LEU A 202 7.83 2.70 35.23
C LEU A 202 8.89 3.24 36.18
N ARG A 203 9.75 2.37 36.69
CA ARG A 203 10.80 2.81 37.58
C ARG A 203 11.76 3.73 36.84
N ALA A 204 12.04 3.38 35.58
CA ALA A 204 12.94 4.19 34.76
C ALA A 204 12.35 5.58 34.57
N ARG A 205 11.03 5.62 34.37
CA ARG A 205 10.32 6.88 34.18
C ARG A 205 10.41 7.70 35.46
N LEU A 206 10.25 7.03 36.59
CA LEU A 206 10.33 7.69 37.89
C LEU A 206 11.73 8.25 38.12
N TYR A 207 12.74 7.44 37.86
CA TYR A 207 14.12 7.89 38.04
C TYR A 207 14.44 9.07 37.13
N LEU A 208 13.95 9.03 35.89
CA LEU A 208 14.18 10.11 34.94
C LEU A 208 13.60 11.43 35.46
N ASN A 209 12.46 11.34 36.12
CA ASN A 209 11.78 12.51 36.68
C ASN A 209 12.06 12.76 38.16
N ALA A 210 13.05 12.06 38.70
CA ALA A 210 13.40 12.19 40.12
C ALA A 210 13.76 13.63 40.50
N GLY A 211 14.36 14.37 39.58
CA GLY A 211 14.72 15.75 39.86
C GLY A 211 13.48 16.61 40.09
N VAL A 212 12.46 16.39 39.26
CA VAL A 212 11.22 17.15 39.38
C VAL A 212 10.47 16.81 40.66
N TYR A 213 10.37 15.52 40.96
CA TYR A 213 9.64 15.07 42.14
C TYR A 213 10.34 15.20 43.49
N THR A 214 11.66 15.03 43.51
CA THR A 214 12.40 15.11 44.77
C THR A 214 13.43 16.23 44.86
N GLY A 215 13.77 16.84 43.74
CA GLY A 215 14.75 17.91 43.74
C GLY A 215 16.14 17.33 43.55
N GLN A 216 16.23 16.01 43.54
CA GLN A 216 17.50 15.32 43.35
C GLN A 216 17.40 14.35 42.19
N THR A 217 18.18 14.59 41.15
CA THR A 217 18.17 13.74 39.96
C THR A 217 18.77 12.36 40.21
N ASP A 218 18.42 11.41 39.35
CA ASP A 218 18.93 10.05 39.47
C ASP A 218 18.96 9.45 38.06
N TYR A 219 19.61 10.14 37.15
CA TYR A 219 19.71 9.68 35.78
C TYR A 219 20.50 8.39 35.64
N ALA A 220 21.38 8.12 36.60
CA ALA A 220 22.17 6.90 36.56
C ALA A 220 21.23 5.70 36.63
N LYS A 221 20.26 5.76 37.54
CA LYS A 221 19.30 4.67 37.70
C LYS A 221 18.33 4.63 36.53
N ALA A 222 17.99 5.79 35.98
CA ALA A 222 17.08 5.85 34.84
C ALA A 222 17.68 5.04 33.71
N GLU A 223 18.98 5.21 33.52
CA GLU A 223 19.73 4.51 32.48
C GLU A 223 19.77 3.01 32.76
N GLU A 224 20.00 2.66 34.02
CA GLU A 224 20.08 1.26 34.43
C GLU A 224 18.79 0.50 34.14
N TYR A 225 17.67 1.02 34.62
CA TYR A 225 16.40 0.35 34.41
C TYR A 225 15.93 0.38 32.97
N ALA A 226 16.26 1.45 32.26
CA ALA A 226 15.89 1.54 30.85
C ALA A 226 16.63 0.41 30.13
N SER A 227 17.87 0.17 30.53
CA SER A 227 18.69 -0.88 29.93
C SER A 227 18.13 -2.26 30.23
N LYS A 228 17.55 -2.44 31.41
CA LYS A 228 16.97 -3.73 31.77
C LYS A 228 15.84 -4.03 30.81
N VAL A 229 15.04 -3.01 30.49
CA VAL A 229 13.92 -3.18 29.57
C VAL A 229 14.43 -3.49 28.16
N ILE A 230 15.41 -2.71 27.70
CA ILE A 230 15.97 -2.91 26.37
C ILE A 230 16.62 -4.29 26.24
N GLY A 231 17.13 -4.81 27.35
CA GLY A 231 17.76 -6.12 27.32
C GLY A 231 16.78 -7.27 27.40
N SER A 232 15.49 -6.97 27.54
CA SER A 232 14.47 -8.00 27.65
C SER A 232 14.01 -8.54 26.28
N ALA A 233 13.05 -9.47 26.32
CA ALA A 233 12.52 -10.09 25.11
C ALA A 233 11.77 -9.11 24.20
N TYR A 234 11.39 -7.95 24.73
CA TYR A 234 10.68 -6.97 23.92
C TYR A 234 11.59 -6.43 22.83
N LYS A 235 10.98 -6.11 21.68
CA LYS A 235 11.70 -5.59 20.51
C LYS A 235 10.84 -4.52 19.84
N LEU A 236 11.47 -3.67 19.02
CA LEU A 236 10.77 -2.61 18.31
C LEU A 236 10.00 -3.07 17.08
N CYS A 237 8.76 -2.60 16.96
CA CYS A 237 7.92 -2.91 15.81
C CYS A 237 8.60 -2.31 14.58
N THR A 238 8.67 -3.05 13.48
CA THR A 238 9.33 -2.55 12.27
C THR A 238 8.52 -1.54 11.47
N ASN A 239 7.24 -1.39 11.81
CA ASN A 239 6.36 -0.44 11.13
C ASN A 239 5.64 0.34 12.21
N TYR A 240 6.08 1.57 12.44
CA TYR A 240 5.52 2.43 13.47
C TYR A 240 4.00 2.52 13.49
N SER A 241 3.40 2.75 12.33
CA SER A 241 1.94 2.89 12.25
C SER A 241 1.18 1.69 12.80
N GLU A 242 1.75 0.50 12.65
CA GLU A 242 1.07 -0.72 13.12
C GLU A 242 0.83 -0.76 14.63
N LEU A 243 1.61 -0.01 15.40
CA LEU A 243 1.45 0.03 16.85
C LEU A 243 0.11 0.65 17.25
N PHE A 244 -0.46 1.45 16.35
CA PHE A 244 -1.70 2.16 16.64
C PHE A 244 -2.85 1.76 15.73
N MET A 245 -2.83 0.51 15.27
CA MET A 245 -3.88 -0.01 14.40
C MET A 245 -4.77 -1.01 15.13
N ALA A 246 -5.92 -1.31 14.51
CA ALA A 246 -6.93 -2.18 15.10
C ALA A 246 -6.54 -3.60 15.50
N ASP A 247 -5.49 -4.13 14.87
CA ASP A 247 -5.04 -5.48 15.18
C ASP A 247 -3.74 -5.48 15.99
N ASN A 248 -3.51 -4.43 16.78
CA ASN A 248 -2.28 -4.39 17.57
C ASN A 248 -2.26 -5.37 18.74
N ASP A 249 -3.30 -6.19 18.87
CA ASP A 249 -3.36 -7.19 19.93
C ASP A 249 -3.23 -8.59 19.30
N GLU A 250 -2.95 -8.64 17.99
CA GLU A 250 -2.81 -9.90 17.27
C GLU A 250 -1.57 -9.91 16.36
N ASN A 251 -1.18 -8.74 15.89
CA ASN A 251 -0.02 -8.57 15.00
C ASN A 251 1.25 -8.62 15.85
N GLU A 252 2.02 -9.70 15.72
CA GLU A 252 3.24 -9.88 16.48
C GLU A 252 4.24 -8.73 16.30
N ASN A 253 4.27 -8.14 15.12
CA ASN A 253 5.19 -7.03 14.86
C ASN A 253 4.94 -5.92 15.87
N ALA A 254 3.67 -5.69 16.18
CA ALA A 254 3.31 -4.67 17.14
C ALA A 254 3.40 -5.17 18.59
N MET A 255 2.88 -6.37 18.84
CA MET A 255 2.87 -6.93 20.18
C MET A 255 4.24 -7.02 20.83
N GLN A 256 5.26 -7.31 20.03
CA GLN A 256 6.60 -7.45 20.57
C GLN A 256 7.16 -6.19 21.24
N GLU A 257 6.55 -5.04 20.97
CA GLU A 257 7.00 -3.77 21.55
C GLU A 257 6.08 -3.27 22.66
N ILE A 258 4.85 -3.73 22.66
CA ILE A 258 3.87 -3.28 23.64
C ILE A 258 3.97 -3.95 25.00
N ILE A 259 4.63 -3.25 25.91
CA ILE A 259 4.88 -3.73 27.28
C ILE A 259 3.63 -3.71 28.14
N LEU A 260 2.75 -2.76 27.91
CA LEU A 260 1.50 -2.69 28.66
C LEU A 260 0.40 -2.14 27.78
N PRO A 261 -0.44 -3.03 27.25
CA PRO A 261 -1.53 -2.60 26.39
C PRO A 261 -2.81 -2.44 27.20
N ILE A 262 -3.61 -1.44 26.85
CA ILE A 262 -4.91 -1.25 27.48
C ILE A 262 -5.79 -1.87 26.40
N ARG A 263 -6.30 -3.07 26.69
CA ARG A 263 -7.13 -3.79 25.74
C ARG A 263 -8.44 -3.07 25.46
N GLN A 264 -8.79 -2.98 24.17
CA GLN A 264 -10.02 -2.34 23.73
C GLN A 264 -10.65 -3.24 22.68
N ASP A 265 -11.97 -3.27 22.62
CA ASP A 265 -12.70 -4.08 21.65
C ASP A 265 -13.96 -3.30 21.28
N GLY A 266 -14.10 -2.97 20.00
CA GLY A 266 -15.26 -2.20 19.55
C GLY A 266 -16.61 -2.63 20.09
N VAL A 267 -16.93 -3.91 19.95
CA VAL A 267 -18.21 -4.43 20.39
C VAL A 267 -18.39 -4.53 21.91
N LYS A 268 -17.29 -4.57 22.66
CA LYS A 268 -17.37 -4.68 24.11
C LYS A 268 -17.12 -3.35 24.84
N THR A 269 -16.04 -2.66 24.47
CA THR A 269 -15.67 -1.38 25.07
C THR A 269 -16.65 -0.31 24.57
N ARG A 270 -17.03 -0.45 23.31
CA ARG A 270 -17.99 0.46 22.67
C ARG A 270 -17.61 1.93 22.76
N ASN A 271 -18.57 2.80 23.10
CA ASN A 271 -18.31 4.23 23.13
C ASN A 271 -17.68 4.76 24.42
N TYR A 272 -17.39 3.88 25.37
CA TYR A 272 -16.82 4.30 26.65
C TYR A 272 -15.34 4.03 26.88
N GLY A 273 -14.61 3.75 25.80
CA GLY A 273 -13.20 3.46 25.94
C GLY A 273 -12.24 4.61 25.67
N GLY A 274 -10.95 4.33 25.83
CA GLY A 274 -9.95 5.34 25.57
C GLY A 274 -9.71 5.52 24.08
N SER A 275 -9.59 4.42 23.34
CA SER A 275 -9.34 4.55 21.91
C SER A 275 -10.52 5.11 21.14
N THR A 276 -11.70 5.11 21.77
CA THR A 276 -12.89 5.67 21.15
C THR A 276 -12.57 7.14 20.90
N TYR A 277 -11.98 7.77 21.91
CA TYR A 277 -11.60 9.17 21.87
C TYR A 277 -10.46 9.41 20.90
N LEU A 278 -9.43 8.56 20.97
CA LEU A 278 -8.26 8.72 20.11
C LEU A 278 -8.58 8.63 18.62
N VAL A 279 -9.53 7.77 18.25
CA VAL A 279 -9.90 7.63 16.85
C VAL A 279 -11.03 8.56 16.44
N CYS A 280 -12.17 8.45 17.11
CA CYS A 280 -13.31 9.31 16.78
C CYS A 280 -13.02 10.78 17.04
N GLY A 281 -12.32 11.05 18.14
CA GLY A 281 -12.01 12.42 18.49
C GLY A 281 -11.13 13.18 17.51
N THR A 282 -10.36 12.47 16.70
CA THR A 282 -9.46 13.11 15.75
C THR A 282 -9.96 13.09 14.31
N ARG A 283 -11.19 12.64 14.10
CA ARG A 283 -11.74 12.57 12.75
C ARG A 283 -13.00 13.41 12.57
N VAL A 284 -13.31 13.71 11.31
CA VAL A 284 -14.50 14.47 10.96
C VAL A 284 -15.01 13.91 9.64
N ALA A 285 -16.32 13.97 9.44
CA ALA A 285 -16.92 13.47 8.21
C ALA A 285 -16.21 14.06 7.00
N GLY A 286 -15.97 13.24 5.99
CA GLY A 286 -15.29 13.72 4.79
C GLY A 286 -13.86 13.26 4.66
N MET A 287 -13.24 12.94 5.80
CA MET A 287 -11.85 12.47 5.77
C MET A 287 -11.80 11.06 5.21
N PRO A 288 -10.77 10.74 4.41
CA PRO A 288 -10.68 9.39 3.86
C PRO A 288 -10.29 8.41 4.97
N ARG A 289 -10.76 7.18 4.88
CA ARG A 289 -10.45 6.15 5.86
C ARG A 289 -10.63 6.62 7.31
N MET A 290 -11.84 7.03 7.65
CA MET A 290 -12.11 7.50 9.00
C MET A 290 -12.00 6.37 10.02
N GLY A 291 -12.39 5.17 9.60
CA GLY A 291 -12.35 4.03 10.50
C GLY A 291 -13.54 4.01 11.46
N THR A 292 -14.45 4.96 11.26
CA THR A 292 -15.63 5.07 12.12
C THR A 292 -16.72 5.86 11.41
N THR A 293 -17.96 5.63 11.82
CA THR A 293 -19.10 6.33 11.23
C THR A 293 -19.32 7.63 11.99
N ASN A 294 -18.62 7.81 13.10
CA ASN A 294 -18.81 9.02 13.89
C ASN A 294 -17.55 9.80 14.24
N GLY A 295 -17.24 10.81 13.43
CA GLY A 295 -16.09 11.66 13.69
C GLY A 295 -16.49 12.78 14.62
N TRP A 296 -15.93 12.80 15.82
CA TRP A 296 -16.27 13.82 16.81
C TRP A 296 -15.67 15.20 16.49
N SER A 297 -14.58 15.21 15.73
CA SER A 297 -13.88 16.44 15.38
C SER A 297 -13.56 17.24 16.64
N ILE A 299 -10.18 17.09 18.53
CA ILE A 299 -8.82 17.63 18.58
C ILE A 299 -8.03 17.51 17.30
N PHE A 300 -7.19 18.51 17.07
CA PHE A 300 -6.34 18.55 15.90
C PHE A 300 -4.96 19.03 16.35
N ALA A 301 -3.98 18.97 15.45
CA ALA A 301 -2.62 19.36 15.76
C ALA A 301 -2.39 20.86 15.82
N ARG A 302 -1.61 21.31 16.81
CA ARG A 302 -1.27 22.72 16.89
C ARG A 302 -0.17 22.90 15.85
N ALA A 303 0.06 24.14 15.43
CA ALA A 303 1.11 24.39 14.45
C ALA A 303 2.46 23.91 14.97
N ALA A 304 2.68 24.05 16.28
CA ALA A 304 3.93 23.62 16.89
C ALA A 304 4.16 22.11 16.75
N MET A 305 3.07 21.35 16.72
CA MET A 305 3.18 19.90 16.58
C MET A 305 3.67 19.57 15.17
N VAL A 306 3.07 20.24 14.18
CA VAL A 306 3.45 20.02 12.80
C VAL A 306 4.92 20.39 12.61
N GLN A 307 5.36 21.43 13.30
CA GLN A 307 6.73 21.87 13.18
C GLN A 307 7.74 20.86 13.68
N LYS A 308 7.28 19.88 14.47
CA LYS A 308 8.19 18.85 14.97
C LYS A 308 8.67 17.99 13.80
N PHE A 309 7.88 17.96 12.73
CA PHE A 309 8.25 17.18 11.54
C PHE A 309 8.75 18.09 10.42
N PHE A 310 8.35 19.36 10.46
CA PHE A 310 8.76 20.34 9.46
C PHE A 310 9.23 21.60 10.17
N SER A 311 10.53 21.71 10.40
CA SER A 311 11.09 22.87 11.08
C SER A 311 10.64 24.16 10.39
N ASN A 312 10.56 24.10 9.07
CA ASN A 312 10.10 25.24 8.27
C ASN A 312 8.71 24.85 7.81
N LEU A 313 7.70 25.47 8.41
CA LEU A 313 6.31 25.16 8.08
C LEU A 313 5.94 25.38 6.62
N GLU A 314 6.77 26.12 5.88
CA GLU A 314 6.49 26.36 4.47
C GLU A 314 6.75 25.10 3.65
N ASP A 315 7.39 24.10 4.26
CA ASP A 315 7.69 22.84 3.57
C ASP A 315 6.57 21.81 3.75
N VAL A 316 5.58 22.15 4.56
CA VAL A 316 4.46 21.25 4.81
C VAL A 316 3.55 21.20 3.58
N PRO A 317 3.26 19.99 3.07
CA PRO A 317 2.39 19.87 1.91
C PRO A 317 1.04 20.50 2.21
N MET A 318 0.64 21.47 1.39
CA MET A 318 -0.62 22.17 1.58
C MET A 318 -1.27 22.51 0.26
N LEU A 319 -2.60 22.56 0.24
CA LEU A 319 -3.33 22.92 -0.96
C LEU A 319 -3.20 24.44 -1.09
N PRO A 320 -2.88 24.93 -2.31
CA PRO A 320 -2.74 26.37 -2.50
C PRO A 320 -4.07 27.07 -2.21
N ALA A 321 -4.01 28.29 -1.71
CA ALA A 321 -5.22 29.05 -1.41
C ALA A 321 -6.01 29.32 -2.69
N ASP A 322 -5.30 29.49 -3.80
CA ASP A 322 -5.92 29.77 -5.08
C ASP A 322 -6.54 28.55 -5.77
N VAL A 323 -6.38 27.38 -5.18
CA VAL A 323 -6.97 26.17 -5.76
C VAL A 323 -8.27 25.89 -5.02
N GLU A 324 -9.38 25.89 -5.75
CA GLU A 324 -10.68 25.65 -5.15
C GLU A 324 -10.93 24.18 -4.88
N ILE A 325 -11.80 23.91 -3.91
CA ILE A 325 -12.17 22.56 -3.55
C ILE A 325 -13.58 22.31 -4.07
N PRO A 326 -13.71 21.39 -5.05
CA PRO A 326 -14.99 21.05 -5.64
C PRO A 326 -16.06 20.70 -4.61
N THR A 327 -17.30 21.12 -4.88
CA THR A 327 -18.41 20.86 -3.97
C THR A 327 -19.08 19.53 -4.36
N LYS A 328 -18.55 18.90 -5.40
CA LYS A 328 -19.08 17.63 -5.89
C LYS A 328 -17.94 16.74 -6.39
N GLY A 329 -18.17 15.43 -6.35
CA GLY A 329 -17.15 14.50 -6.83
C GLY A 329 -16.08 14.14 -5.82
N LEU A 330 -16.37 14.34 -4.54
CA LEU A 330 -15.43 14.01 -3.47
C LEU A 330 -16.14 13.32 -2.32
N ASP A 331 -16.95 12.32 -2.65
CA ASP A 331 -17.72 11.59 -1.64
C ASP A 331 -17.05 10.28 -1.21
N THR A 332 -16.32 9.66 -2.12
CA THR A 332 -15.64 8.40 -1.83
C THR A 332 -14.18 8.62 -1.49
N ASP A 333 -13.60 7.65 -0.79
CA ASP A 333 -12.18 7.73 -0.42
C ASP A 333 -11.35 7.79 -1.70
N GLU A 334 -11.79 7.06 -2.72
CA GLU A 334 -11.08 7.02 -3.99
C GLU A 334 -10.98 8.43 -4.61
N GLN A 335 -12.09 9.13 -4.65
CA GLN A 335 -12.12 10.48 -5.22
C GLN A 335 -11.26 11.44 -4.39
N ILE A 336 -11.40 11.36 -3.07
CA ILE A 336 -10.66 12.21 -2.17
C ILE A 336 -9.16 11.95 -2.32
N ASP A 337 -8.78 10.67 -2.31
CA ASP A 337 -7.37 10.29 -2.45
C ASP A 337 -6.75 10.77 -3.76
N ALA A 338 -7.51 10.66 -4.85
CA ALA A 338 -7.01 11.08 -6.16
C ALA A 338 -6.78 12.59 -6.20
N PHE A 339 -7.68 13.34 -5.60
CA PHE A 339 -7.55 14.80 -5.56
C PHE A 339 -6.35 15.16 -4.68
N ASP A 340 -6.25 14.53 -3.51
CA ASP A 340 -5.13 14.79 -2.62
C ASP A 340 -3.82 14.42 -3.33
N ALA A 341 -3.83 13.31 -4.06
CA ALA A 341 -2.63 12.87 -4.77
C ALA A 341 -2.21 13.91 -5.81
N GLU A 342 -3.18 14.45 -6.53
CA GLU A 342 -2.90 15.44 -7.55
C GLU A 342 -2.22 16.68 -6.97
N HIS A 343 -2.57 17.01 -5.74
CA HIS A 343 -2.01 18.19 -5.07
C HIS A 343 -0.96 17.86 -4.01
N GLY A 344 -0.53 16.60 -3.98
CA GLY A 344 0.48 16.14 -3.06
C GLY A 344 0.14 16.26 -1.58
N ILE A 345 -1.12 16.07 -1.24
CA ILE A 345 -1.53 16.19 0.15
C ILE A 345 -2.19 14.96 0.79
N ARG A 346 -1.84 13.77 0.32
CA ARG A 346 -2.35 12.56 0.95
C ARG A 346 -1.45 12.41 2.17
N THR A 347 -1.91 11.69 3.19
CA THR A 347 -1.06 11.51 4.35
C THR A 347 0.24 10.82 3.96
N GLU A 348 0.19 9.93 2.96
CA GLU A 348 1.43 9.26 2.55
C GLU A 348 2.37 10.28 1.91
N ASP A 349 1.83 11.35 1.37
CA ASP A 349 2.65 12.40 0.76
C ASP A 349 3.25 13.23 1.90
N MET A 350 2.48 13.39 2.98
CA MET A 350 2.93 14.14 4.15
C MET A 350 4.16 13.41 4.72
N ILE A 351 4.04 12.08 4.82
CA ILE A 351 5.12 11.26 5.35
C ILE A 351 6.36 11.34 4.46
N LYS A 352 6.17 11.29 3.14
CA LYS A 352 7.29 11.35 2.22
C LYS A 352 8.00 12.71 2.35
N ALA A 353 7.23 13.78 2.45
CA ALA A 353 7.81 15.12 2.58
C ALA A 353 8.57 15.27 3.89
N ALA A 354 8.03 14.70 4.96
CA ALA A 354 8.66 14.79 6.28
C ALA A 354 9.87 13.87 6.41
N GLY A 355 9.92 12.84 5.58
CA GLY A 355 11.03 11.90 5.68
C GLY A 355 10.98 11.22 7.04
N ASP A 356 9.78 10.91 7.51
CA ASP A 356 9.58 10.28 8.81
C ASP A 356 8.24 9.55 8.80
N ASP A 357 8.27 8.24 9.04
CA ASP A 357 7.06 7.42 9.07
C ASP A 357 6.05 7.89 10.13
N ARG A 358 6.55 8.61 11.12
CA ARG A 358 5.69 9.07 12.22
C ARG A 358 4.85 10.31 11.92
N ALA A 359 5.07 10.95 10.77
CA ALA A 359 4.32 12.15 10.40
C ALA A 359 2.92 11.82 9.89
N LEU A 360 2.14 11.16 10.74
CA LEU A 360 0.77 10.75 10.43
C LEU A 360 -0.21 11.91 10.63
N LEU A 361 -0.08 12.90 9.75
CA LEU A 361 -0.92 14.09 9.76
C LEU A 361 -1.69 14.16 8.44
N TYR A 362 -2.75 14.95 8.42
CA TYR A 362 -3.54 15.09 7.20
C TYR A 362 -3.89 16.54 6.89
N SER A 363 -3.49 16.99 5.70
CA SER A 363 -3.76 18.36 5.26
C SER A 363 -4.57 18.31 3.97
N GLY A 364 -5.11 17.12 3.66
CA GLY A 364 -5.90 16.95 2.45
C GLY A 364 -7.25 17.64 2.50
N VAL A 365 -8.03 17.52 1.43
CA VAL A 365 -9.33 18.17 1.32
C VAL A 365 -10.50 17.47 2.00
N GLY A 366 -10.32 16.23 2.42
CA GLY A 366 -11.40 15.52 3.08
C GLY A 366 -11.75 16.19 4.39
N GLY A 367 -12.97 16.72 4.49
CA GLY A 367 -13.39 17.39 5.70
C GLY A 367 -13.27 18.90 5.61
N GLY A 368 -12.74 19.39 4.51
CA GLY A 368 -12.61 20.83 4.32
C GLY A 368 -11.19 21.35 4.26
N ARG A 369 -11.05 22.61 3.84
CA ARG A 369 -9.74 23.24 3.72
C ARG A 369 -9.12 23.42 5.11
N ARG A 370 -7.90 22.91 5.27
CA ARG A 370 -7.20 23.00 6.55
C ARG A 370 -6.23 24.16 6.63
N LYS A 371 -5.92 24.57 7.86
CA LYS A 371 -4.94 25.62 8.13
C LYS A 371 -3.89 24.91 8.96
N ILE A 372 -2.68 25.47 9.00
CA ILE A 372 -1.63 24.88 9.83
C ILE A 372 -1.68 25.68 11.13
N GLN A 373 -1.92 26.99 11.02
CA GLN A 373 -2.01 27.86 12.18
C GLN A 373 -3.22 28.78 12.00
N THR A 374 -3.86 29.15 13.11
CA THR A 374 -5.04 30.00 13.05
C THR A 374 -4.93 31.22 13.97
N ASP A 375 -5.65 32.28 13.62
CA ASP A 375 -5.64 33.52 14.42
C ASP A 375 -6.72 33.47 15.47
N ALA A 376 -7.58 32.46 15.40
CA ALA A 376 -8.67 32.28 16.35
C ALA A 376 -9.16 30.84 16.26
N ILE A 377 -9.27 30.18 17.41
CA ILE A 377 -9.72 28.79 17.46
C ILE A 377 -11.23 28.76 17.25
N SER A 378 -11.65 28.57 16.00
CA SER A 378 -13.07 28.56 15.65
C SER A 378 -13.62 27.18 15.29
N GLY A 379 -12.76 26.29 14.82
CA GLY A 379 -13.25 24.98 14.45
C GLY A 379 -12.17 23.93 14.22
N PHE A 380 -12.62 22.71 13.94
CA PHE A 380 -11.75 21.56 13.71
C PHE A 380 -10.76 21.70 12.56
N THR A 381 -11.12 22.44 11.52
CA THR A 381 -10.23 22.60 10.38
C THR A 381 -9.18 23.70 10.55
N ASP A 382 -9.10 24.27 11.75
CA ASP A 382 -8.14 25.34 12.01
C ASP A 382 -6.72 24.81 12.25
N GLY A 383 -6.56 23.50 12.08
CA GLY A 383 -5.26 22.89 12.25
C GLY A 383 -5.24 21.58 11.49
N LEU A 384 -4.07 20.99 11.28
CA LEU A 384 -4.00 19.72 10.55
C LEU A 384 -4.56 18.60 11.41
N SER A 385 -5.11 17.58 10.76
CA SER A 385 -5.66 16.46 11.50
C SER A 385 -4.57 15.45 11.83
N ILE A 386 -4.75 14.77 12.94
CA ILE A 386 -3.80 13.75 13.38
C ILE A 386 -4.45 12.39 13.13
N VAL A 387 -3.83 11.60 12.26
CA VAL A 387 -4.37 10.29 11.91
C VAL A 387 -3.48 9.13 12.36
N LYS A 388 -2.75 9.36 13.44
CA LYS A 388 -1.86 8.36 14.02
C LYS A 388 -2.64 7.13 14.50
N TRP A 389 -3.76 7.37 15.18
CA TRP A 389 -4.58 6.27 15.69
C TRP A 389 -5.57 5.86 14.61
N GLN A 390 -5.60 4.56 14.30
CA GLN A 390 -6.48 4.07 13.25
C GLN A 390 -7.29 2.84 13.61
N ASN A 391 -8.54 2.80 13.15
CA ASN A 391 -9.36 1.62 13.37
C ASN A 391 -9.39 0.77 12.10
N TYR A 392 -8.20 0.41 11.63
CA TYR A 392 -8.02 -0.46 10.47
C TYR A 392 -6.96 -1.46 10.89
N ARG A 393 -7.11 -2.70 10.47
CA ARG A 393 -6.14 -3.75 10.80
C ARG A 393 -5.02 -3.81 9.76
N SER A 394 -3.81 -4.04 10.23
CA SER A 394 -2.67 -4.14 9.32
C SER A 394 -2.86 -5.32 8.36
N ASP A 395 -3.60 -6.34 8.79
CA ASP A 395 -3.82 -7.50 7.95
C ASP A 395 -5.03 -7.38 7.02
N GLY A 396 -5.67 -6.21 7.05
CA GLY A 396 -6.81 -5.95 6.19
C GLY A 396 -8.13 -6.62 6.51
N LYS A 397 -8.17 -7.42 7.58
CA LYS A 397 -9.38 -8.12 7.95
C LYS A 397 -10.41 -7.19 8.61
N PRO A 398 -11.67 -7.63 8.69
CA PRO A 398 -12.72 -6.80 9.31
C PRO A 398 -12.48 -6.48 10.78
N VAL A 399 -12.97 -5.32 11.22
CA VAL A 399 -12.89 -4.93 12.62
C VAL A 399 -14.25 -5.32 13.20
N SER A 400 -14.40 -5.27 14.51
CA SER A 400 -15.65 -5.70 15.14
C SER A 400 -16.83 -4.75 15.07
N HIS A 401 -16.58 -3.47 14.88
CA HIS A 401 -17.68 -2.50 14.87
C HIS A 401 -17.48 -1.36 13.88
N ALA A 402 -18.58 -0.85 13.34
CA ALA A 402 -18.52 0.22 12.37
C ALA A 402 -18.26 1.60 13.00
N THR A 403 -18.52 1.70 14.30
CA THR A 403 -18.35 2.99 14.98
C THR A 403 -17.29 3.01 16.07
N TYR A 404 -17.29 2.01 16.94
CA TYR A 404 -16.34 1.94 18.05
C TYR A 404 -15.09 1.16 17.63
N PRO A 405 -13.90 1.72 17.89
CA PRO A 405 -12.65 1.05 17.50
C PRO A 405 -12.20 -0.16 18.31
N ASP A 406 -11.39 -0.99 17.65
CA ASP A 406 -10.82 -2.19 18.26
C ASP A 406 -9.42 -1.88 18.78
N THR A 407 -8.85 -0.81 18.27
CA THR A 407 -7.48 -0.42 18.62
C THR A 407 -7.14 -0.35 20.11
N ASP A 408 -6.14 -1.15 20.51
CA ASP A 408 -5.69 -1.12 21.90
C ASP A 408 -4.83 0.11 22.05
N ILE A 409 -4.62 0.54 23.29
CA ILE A 409 -3.75 1.67 23.56
C ILE A 409 -2.44 1.08 24.10
N PRO A 410 -1.33 1.23 23.36
CA PRO A 410 -0.07 0.69 23.84
C PRO A 410 0.47 1.67 24.88
N LEU A 411 -0.11 1.65 26.08
CA LEU A 411 0.29 2.57 27.15
C LEU A 411 1.80 2.58 27.36
N PHE A 412 2.38 1.40 27.51
CA PHE A 412 3.83 1.27 27.70
C PHE A 412 4.42 0.65 26.43
N ARG A 413 5.41 1.31 25.84
CA ARG A 413 6.09 0.84 24.64
C ARG A 413 7.59 0.77 24.86
N LEU A 414 8.26 -0.19 24.23
CA LEU A 414 9.70 -0.32 24.37
C LEU A 414 10.41 0.96 23.97
N ALA A 415 9.82 1.70 23.03
CA ALA A 415 10.43 2.96 22.57
C ALA A 415 10.70 3.91 23.74
N GLU A 416 9.89 3.84 24.79
CA GLU A 416 10.10 4.73 25.93
C GLU A 416 11.43 4.46 26.61
N ALA A 417 11.86 3.20 26.60
CA ALA A 417 13.14 2.85 27.23
C ALA A 417 14.30 3.49 26.47
N TYR A 418 14.22 3.46 25.14
CA TYR A 418 15.26 4.07 24.31
C TYR A 418 15.36 5.58 24.49
N LEU A 419 14.22 6.27 24.52
CA LEU A 419 14.23 7.72 24.70
C LEU A 419 14.62 8.09 26.13
N THR A 420 14.22 7.27 27.09
CA THR A 420 14.55 7.52 28.49
C THR A 420 16.05 7.34 28.69
N ARG A 421 16.61 6.29 28.10
CA ARG A 421 18.04 6.06 28.25
C ARG A 421 18.82 7.15 27.52
N ALA A 422 18.33 7.56 26.36
CA ALA A 422 18.99 8.60 25.58
C ALA A 422 19.08 9.88 26.42
N GLU A 423 17.96 10.30 26.99
CA GLU A 423 17.93 11.50 27.81
C GLU A 423 18.83 11.36 29.03
N ALA A 424 18.77 10.21 29.68
CA ALA A 424 19.58 9.97 30.88
C ALA A 424 21.07 10.05 30.55
N ILE A 425 21.47 9.43 29.44
CA ILE A 425 22.86 9.44 29.03
C ILE A 425 23.28 10.87 28.68
N PHE A 426 22.42 11.58 27.95
CA PHE A 426 22.71 12.96 27.57
C PHE A 426 22.92 13.83 28.80
N ARG A 427 22.00 13.72 29.77
CA ARG A 427 22.05 14.50 31.01
C ARG A 427 23.34 14.25 31.79
N GLN A 428 23.91 13.06 31.64
CA GLN A 428 25.14 12.69 32.36
C GLN A 428 26.41 13.01 31.56
N GLY A 429 26.25 13.65 30.42
CA GLY A 429 27.38 14.01 29.59
C GLY A 429 27.85 12.95 28.61
N GLY A 430 27.06 11.89 28.44
CA GLY A 430 27.44 10.83 27.53
C GLY A 430 26.90 10.99 26.12
N ASP A 431 27.18 10.01 25.27
CA ASP A 431 26.73 10.01 23.87
C ASP A 431 25.40 9.28 23.71
N ALA A 432 24.34 10.03 23.44
CA ALA A 432 23.01 9.46 23.28
C ALA A 432 22.53 9.32 21.84
N THR A 433 23.43 9.54 20.88
CA THR A 433 23.06 9.44 19.48
C THR A 433 22.55 8.05 19.10
N GLY A 434 23.17 7.01 19.65
CA GLY A 434 22.77 5.65 19.35
C GLY A 434 21.32 5.32 19.67
N ASP A 435 20.88 5.68 20.87
CA ASP A 435 19.50 5.39 21.27
C ASP A 435 18.49 6.21 20.50
N ILE A 436 18.82 7.47 20.21
CA ILE A 436 17.90 8.32 19.46
C ILE A 436 17.78 7.80 18.02
N ASN A 437 18.90 7.42 17.42
CA ASN A 437 18.86 6.91 16.06
C ASN A 437 18.22 5.54 15.94
N GLU A 438 18.07 4.85 17.06
CA GLU A 438 17.44 3.53 17.03
C GLU A 438 15.98 3.76 16.66
N LEU A 439 15.42 4.82 17.22
CA LEU A 439 14.03 5.17 16.94
C LEU A 439 13.87 5.84 15.58
N ARG A 440 14.82 6.69 15.21
CA ARG A 440 14.73 7.35 13.92
C ARG A 440 14.90 6.33 12.79
N LYS A 441 15.75 5.33 13.00
CA LYS A 441 15.94 4.28 12.00
C LYS A 441 14.67 3.47 11.84
N ARG A 442 14.02 3.16 12.96
CA ARG A 442 12.79 2.39 12.92
C ARG A 442 11.74 3.15 12.13
N ALA A 443 11.73 4.47 12.29
CA ALA A 443 10.78 5.34 11.60
C ALA A 443 11.22 5.66 10.16
N ASN A 444 12.30 5.03 9.71
CA ASN A 444 12.82 5.25 8.36
C ASN A 444 13.08 6.72 8.09
N CYS A 445 13.66 7.41 9.06
CA CYS A 445 13.96 8.83 8.91
C CYS A 445 15.09 9.08 7.94
N THR A 446 14.93 10.12 7.13
CA THR A 446 15.96 10.48 6.16
C THR A 446 17.06 11.25 6.87
N ARG A 447 16.70 11.94 7.95
CA ARG A 447 17.66 12.71 8.74
C ARG A 447 18.04 11.97 10.02
N LYS A 448 19.33 11.70 10.19
CA LYS A 448 19.81 11.03 11.39
C LYS A 448 20.53 12.06 12.25
N VAL A 449 20.43 11.90 13.57
CA VAL A 449 21.08 12.84 14.48
C VAL A 449 22.57 12.57 14.60
N GLN A 450 23.37 13.63 14.49
CA GLN A 450 24.81 13.53 14.59
C GLN A 450 25.26 13.88 16.01
N THR A 451 24.55 14.83 16.62
CA THR A 451 24.83 15.25 17.99
C THR A 451 23.51 15.55 18.69
N VAL A 452 23.35 15.02 19.90
CA VAL A 452 22.12 15.23 20.66
C VAL A 452 22.17 16.52 21.46
N THR A 453 21.05 17.23 21.48
CA THR A 453 20.92 18.48 22.22
C THR A 453 19.61 18.43 23.01
N GLU A 454 19.43 19.36 23.94
CA GLU A 454 18.20 19.40 24.73
C GLU A 454 16.99 19.53 23.82
N GLN A 455 17.06 20.44 22.85
CA GLN A 455 15.95 20.67 21.93
C GLN A 455 15.64 19.43 21.10
N GLU A 456 16.67 18.75 20.62
CA GLU A 456 16.49 17.55 19.81
C GLU A 456 15.74 16.48 20.60
N LEU A 457 16.10 16.34 21.87
CA LEU A 457 15.47 15.35 22.74
C LEU A 457 13.99 15.59 22.96
N ILE A 458 13.62 16.81 23.37
CA ILE A 458 12.22 17.11 23.63
C ILE A 458 11.40 17.05 22.34
N ASP A 459 12.03 17.32 21.20
CA ASP A 459 11.34 17.26 19.91
C ASP A 459 11.11 15.79 19.55
N GLU A 460 12.07 14.93 19.88
CA GLU A 460 11.96 13.51 19.58
C GLU A 460 10.88 12.89 20.47
N TRP A 461 10.75 13.37 21.70
CA TRP A 461 9.72 12.86 22.60
C TRP A 461 8.35 13.14 21.97
N ALA A 462 8.24 14.27 21.29
CA ALA A 462 6.98 14.62 20.64
C ALA A 462 6.76 13.76 19.39
N ARG A 463 7.78 13.66 18.55
CA ARG A 463 7.66 12.86 17.34
C ARG A 463 7.32 11.40 17.60
N GLU A 464 7.91 10.83 18.65
CA GLU A 464 7.68 9.44 18.98
C GLU A 464 6.38 9.18 19.74
N PHE A 465 6.11 10.03 20.73
CA PHE A 465 4.93 9.81 21.57
C PHE A 465 3.75 10.77 21.48
N TYR A 466 3.70 11.64 20.47
CA TYR A 466 2.57 12.58 20.42
C TYR A 466 1.22 11.86 20.48
N LEU A 467 0.29 12.46 21.20
CA LEU A 467 -1.04 11.91 21.41
C LEU A 467 -1.05 10.56 22.11
N GLU A 468 -0.12 10.38 23.04
CA GLU A 468 -0.06 9.15 23.82
C GLU A 468 -0.18 9.48 25.32
N GLY A 469 -0.56 10.72 25.60
CA GLY A 469 -0.80 11.16 26.97
C GLY A 469 0.31 11.46 27.95
N ARG A 470 1.49 11.83 27.47
CA ARG A 470 2.58 12.13 28.39
C ARG A 470 3.24 13.49 28.17
N ARG A 471 2.93 14.13 27.06
CA ARG A 471 3.56 15.41 26.70
C ARG A 471 3.84 16.40 27.82
N ARG A 472 2.82 16.79 28.58
CA ARG A 472 3.00 17.75 29.66
C ARG A 472 4.12 17.36 30.62
N SER A 473 4.14 16.09 31.03
CA SER A 473 5.15 15.61 31.96
C SER A 473 6.55 15.86 31.44
N ASP A 474 6.78 15.56 30.16
CA ASP A 474 8.09 15.76 29.58
C ASP A 474 8.42 17.26 29.50
N LEU A 475 7.44 18.07 29.13
CA LEU A 475 7.65 19.51 29.05
C LEU A 475 8.04 20.11 30.41
N VAL A 476 7.40 19.64 31.48
CA VAL A 476 7.71 20.12 32.82
C VAL A 476 9.15 19.77 33.19
N ARG A 477 9.54 18.53 32.90
CA ARG A 477 10.90 18.09 33.20
C ARG A 477 11.95 18.94 32.49
N PHE A 478 11.64 19.34 31.26
CA PHE A 478 12.55 20.18 30.49
C PHE A 478 12.37 21.67 30.82
N GLY A 479 11.51 21.96 31.79
CA GLY A 479 11.27 23.34 32.18
C GLY A 479 10.73 24.19 31.05
N MET A 480 9.86 23.59 30.25
CA MET A 480 9.28 24.28 29.10
C MET A 480 7.75 24.40 29.12
N PHE A 481 7.11 23.78 30.10
CA PHE A 481 5.66 23.82 30.16
C PHE A 481 5.05 25.20 30.43
N THR A 482 5.60 25.91 31.40
CA THR A 482 5.06 27.23 31.73
C THR A 482 5.91 28.42 31.33
N THR A 483 7.22 28.20 31.19
CA THR A 483 8.19 29.23 30.87
C THR A 483 8.32 29.72 29.43
N ASN A 484 9.20 30.69 29.25
CA ASN A 484 9.50 31.27 27.95
C ASN A 484 10.54 30.45 27.21
N LYS A 485 11.00 29.38 27.84
CA LYS A 485 12.00 28.52 27.24
C LYS A 485 11.42 27.89 25.97
N TYR A 486 10.09 27.87 25.88
CA TYR A 486 9.41 27.31 24.72
C TYR A 486 7.99 27.87 24.61
N LEU A 487 7.73 28.62 23.55
CA LEU A 487 6.41 29.20 23.33
C LEU A 487 5.80 28.64 22.06
N TRP A 488 4.66 27.98 22.20
CA TRP A 488 3.96 27.38 21.07
C TRP A 488 2.63 28.10 20.85
N ASP A 489 2.01 27.90 19.69
CA ASP A 489 0.76 28.59 19.40
C ASP A 489 -0.35 28.30 20.41
N TRP A 490 -0.96 29.38 20.89
CA TRP A 490 -2.06 29.38 21.85
C TRP A 490 -1.69 29.10 23.30
N LYS A 491 -0.39 29.00 23.57
CA LYS A 491 0.07 28.78 24.93
C LYS A 491 -0.20 30.07 25.70
N GLY A 492 -0.73 29.92 26.92
CA GLY A 492 -1.02 31.09 27.72
C GLY A 492 -2.17 31.94 27.23
N GLY A 493 -2.87 31.47 26.20
CA GLY A 493 -4.02 32.21 25.68
C GLY A 493 -3.68 33.16 24.54
N ALA A 494 -2.40 33.27 24.22
CA ALA A 494 -1.95 34.15 23.14
C ALA A 494 -1.80 33.32 21.86
N MET A 495 -2.24 33.87 20.74
CA MET A 495 -2.15 33.15 19.48
C MET A 495 -0.73 32.67 19.16
N ASN A 496 0.27 33.51 19.42
CA ASN A 496 1.65 33.12 19.14
C ASN A 496 2.33 32.48 20.36
N GLY A 497 1.60 32.44 21.47
CA GLY A 497 2.13 31.85 22.67
C GLY A 497 2.75 32.84 23.63
N THR A 498 2.49 32.64 24.92
CA THR A 498 3.02 33.49 25.96
C THR A 498 3.12 32.65 27.22
N SER A 499 4.04 33.01 28.12
CA SER A 499 4.24 32.24 29.34
C SER A 499 3.12 32.43 30.37
N VAL A 500 3.13 31.56 31.38
CA VAL A 500 2.15 31.62 32.47
C VAL A 500 2.92 31.42 33.78
N ALA A 501 2.23 31.61 34.90
CA ALA A 501 2.86 31.46 36.22
C ALA A 501 3.44 30.06 36.41
N SER A 502 4.62 29.98 37.01
CA SER A 502 5.29 28.71 37.24
C SER A 502 4.54 27.72 38.12
N TYR A 503 3.58 28.20 38.91
CA TYR A 503 2.84 27.29 39.78
C TYR A 503 1.89 26.41 38.99
N TYR A 504 1.77 26.68 37.70
CA TYR A 504 0.90 25.90 36.83
C TYR A 504 1.54 24.57 36.43
N ASN A 505 2.77 24.34 36.89
CA ASN A 505 3.45 23.08 36.58
C ASN A 505 2.82 21.94 37.36
N LYS A 506 1.91 22.28 38.25
CA LYS A 506 1.17 21.30 39.04
C LYS A 506 -0.28 21.71 38.98
N TYR A 507 -1.16 20.74 38.84
CA TYR A 507 -2.58 21.04 38.82
C TYR A 507 -3.00 21.31 40.27
N PRO A 508 -4.06 22.09 40.46
CA PRO A 508 -4.49 22.38 41.83
C PRO A 508 -5.31 21.22 42.38
N ILE A 509 -5.40 21.14 43.70
CA ILE A 509 -6.20 20.08 44.31
C ILE A 509 -7.61 20.61 44.11
N PRO A 510 -8.53 19.78 43.59
CA PRO A 510 -9.91 20.22 43.38
C PRO A 510 -10.46 20.87 44.66
N VAL A 511 -11.10 22.02 44.51
CA VAL A 511 -11.64 22.72 45.67
C VAL A 511 -12.65 21.85 46.41
N SER A 512 -13.28 20.94 45.69
CA SER A 512 -14.27 20.04 46.28
C SER A 512 -13.62 19.13 47.31
N ASP A 513 -12.40 18.67 47.03
CA ASP A 513 -11.72 17.78 47.98
C ASP A 513 -11.06 18.60 49.08
N ILE A 514 -10.75 19.86 48.79
CA ILE A 514 -10.15 20.74 49.79
C ILE A 514 -11.19 20.91 50.88
N ASN A 515 -12.45 21.11 50.45
CA ASN A 515 -13.56 21.30 51.38
C ASN A 515 -14.03 20.02 52.05
N ASN A 516 -13.85 18.90 51.37
CA ASN A 516 -14.28 17.61 51.92
C ASN A 516 -13.24 16.89 52.77
N ASN A 517 -11.96 17.12 52.47
CA ASN A 517 -10.88 16.47 53.21
C ASN A 517 -9.96 17.52 53.81
N ARG A 518 -10.12 17.77 55.10
CA ARG A 518 -9.31 18.76 55.80
C ARG A 518 -7.84 18.36 55.85
N ASN A 519 -7.55 17.10 55.51
CA ASN A 519 -6.17 16.61 55.52
C ASN A 519 -5.38 17.14 54.33
N MET A 520 -6.07 17.50 53.26
CA MET A 520 -5.42 18.00 52.07
C MET A 520 -5.15 19.50 52.12
N SER A 521 -4.08 19.92 51.45
CA SER A 521 -3.71 21.33 51.38
C SER A 521 -3.56 21.69 49.90
N GLN A 522 -3.94 22.91 49.56
CA GLN A 522 -3.85 23.38 48.18
C GLN A 522 -2.41 23.60 47.73
N ASN A 523 -2.14 23.41 46.45
CA ASN A 523 -0.79 23.61 45.92
C ASN A 523 -0.48 25.11 45.85
N GLU A 524 0.81 25.43 45.87
CA GLU A 524 1.26 26.82 45.81
C GLU A 524 0.68 27.58 44.62
N GLY A 525 0.48 28.88 44.79
CA GLY A 525 -0.03 29.71 43.72
C GLY A 525 -1.53 29.83 43.53
N TYR A 526 -2.25 28.74 43.76
CA TYR A 526 -3.70 28.77 43.60
C TYR A 526 -4.37 29.44 44.78
N LYS A 527 -5.61 29.89 44.57
CA LYS A 527 -6.37 30.56 45.62
C LYS A 527 -7.85 30.19 45.58
N PHE B 18 -1.48 16.08 -49.24
CA PHE B 18 -0.65 15.20 -48.37
C PHE B 18 -0.10 15.95 -47.16
N ASP B 19 -0.56 15.57 -45.97
CA ASP B 19 -0.11 16.18 -44.72
C ASP B 19 0.91 15.19 -44.14
N GLN B 20 2.18 15.39 -44.47
CA GLN B 20 3.24 14.49 -44.01
C GLN B 20 3.19 14.20 -42.52
N GLN B 21 3.15 15.25 -41.70
CA GLN B 21 3.10 15.06 -40.25
C GLN B 21 1.84 14.31 -39.83
N GLY B 22 0.71 14.67 -40.43
CA GLY B 22 -0.53 14.01 -40.10
C GLY B 22 -0.52 12.53 -40.45
N VAL B 23 0.01 12.19 -41.62
CA VAL B 23 0.07 10.80 -42.05
C VAL B 23 1.07 10.02 -41.19
N PHE B 24 2.15 10.68 -40.79
CA PHE B 24 3.16 10.03 -39.95
C PHE B 24 2.53 9.66 -38.62
N VAL B 25 1.83 10.62 -38.03
CA VAL B 25 1.18 10.41 -36.74
C VAL B 25 0.16 9.29 -36.86
N LYS B 26 -0.57 9.25 -37.98
CA LYS B 26 -1.56 8.20 -38.20
C LYS B 26 -0.88 6.85 -38.28
N GLY B 27 0.33 6.81 -38.83
CA GLY B 27 1.07 5.56 -38.96
C GLY B 27 1.24 4.87 -37.62
N TYR B 28 1.57 5.65 -36.61
CA TYR B 28 1.74 5.12 -35.27
C TYR B 28 0.39 4.90 -34.61
N ALA B 29 -0.56 5.79 -34.89
CA ALA B 29 -1.90 5.67 -34.29
C ALA B 29 -2.60 4.37 -34.64
N MET B 30 -2.29 3.81 -35.81
CA MET B 30 -2.90 2.55 -36.24
C MET B 30 -2.58 1.38 -35.30
N LEU B 31 -1.55 1.52 -34.49
CA LEU B 31 -1.19 0.44 -33.58
C LEU B 31 -2.16 0.39 -32.40
N GLY B 32 -2.75 1.53 -32.06
CA GLY B 32 -3.62 1.55 -30.90
C GLY B 32 -5.07 1.98 -30.96
N VAL B 33 -5.58 2.23 -32.16
CA VAL B 33 -6.98 2.66 -32.25
C VAL B 33 -7.57 2.35 -33.61
N THR B 34 -8.89 2.31 -33.67
CA THR B 34 -9.62 2.04 -34.92
C THR B 34 -10.56 3.21 -35.19
N GLY B 35 -11.36 3.06 -36.24
CA GLY B 35 -12.32 4.11 -36.58
C GLY B 35 -13.72 3.72 -36.13
N ASP B 46 -21.06 1.03 -25.26
CA ASP B 46 -19.62 0.79 -25.14
C ASP B 46 -19.30 -0.70 -25.18
N GLY B 47 -19.93 -1.41 -26.11
CA GLY B 47 -19.72 -2.83 -26.24
C GLY B 47 -18.31 -3.23 -26.64
N GLN B 48 -17.97 -4.49 -26.40
CA GLN B 48 -16.66 -5.01 -26.72
C GLN B 48 -16.41 -5.11 -28.23
N ASP B 49 -17.47 -5.14 -29.01
CA ASP B 49 -17.35 -5.28 -30.46
C ASP B 49 -16.93 -4.02 -31.22
N GLU B 50 -17.21 -2.85 -30.65
CA GLU B 50 -16.87 -1.59 -31.32
C GLU B 50 -15.47 -1.49 -31.92
N GLY B 51 -14.44 -1.80 -31.14
CA GLY B 51 -13.09 -1.70 -31.66
C GLY B 51 -12.40 -3.02 -31.99
N GLU B 52 -13.18 -4.05 -32.29
CA GLU B 52 -12.63 -5.37 -32.60
C GLU B 52 -11.76 -5.48 -33.86
N SER B 53 -11.83 -4.50 -34.76
CA SER B 53 -11.04 -4.55 -35.98
C SER B 53 -9.62 -4.02 -35.82
N GLY B 54 -9.28 -3.54 -34.63
CA GLY B 54 -7.96 -2.99 -34.38
C GLY B 54 -6.76 -3.90 -34.49
N PHE B 55 -5.62 -3.29 -34.82
CA PHE B 55 -4.35 -4.01 -34.93
C PHE B 55 -4.06 -4.80 -33.67
N TYR B 56 -4.15 -4.14 -32.52
CA TYR B 56 -3.83 -4.84 -31.29
C TYR B 56 -4.78 -5.96 -30.90
N ARG B 57 -6.08 -5.69 -30.88
CA ARG B 57 -7.02 -6.72 -30.49
C ARG B 57 -7.00 -7.96 -31.40
N THR B 58 -6.93 -7.75 -32.70
CA THR B 58 -6.94 -8.89 -33.62
C THR B 58 -5.69 -9.76 -33.50
N THR B 59 -4.52 -9.14 -33.43
CA THR B 59 -3.29 -9.89 -33.29
C THR B 59 -3.22 -10.56 -31.92
N PHE B 60 -3.68 -9.85 -30.89
CA PHE B 60 -3.69 -10.36 -29.53
C PHE B 60 -4.53 -11.63 -29.45
N ASN B 61 -5.76 -11.57 -29.96
CA ASN B 61 -6.61 -12.74 -29.89
C ASN B 61 -6.07 -13.95 -30.64
N CYS B 62 -5.46 -13.72 -31.81
CA CYS B 62 -4.91 -14.82 -32.57
C CYS B 62 -3.74 -15.48 -31.84
N ASN B 63 -3.04 -14.71 -31.02
CA ASN B 63 -1.90 -15.22 -30.27
C ASN B 63 -2.24 -15.58 -28.83
N GLU B 64 -3.49 -15.38 -28.41
CA GLU B 64 -3.89 -15.65 -27.03
C GLU B 64 -5.05 -16.60 -26.79
N LEU B 65 -6.18 -16.36 -27.48
CA LEU B 65 -7.36 -17.19 -27.27
C LEU B 65 -7.19 -18.71 -27.40
N PRO B 66 -6.34 -19.19 -28.31
CA PRO B 66 -6.18 -20.64 -28.44
C PRO B 66 -5.12 -21.22 -27.51
N THR B 67 -4.46 -20.37 -26.75
CA THR B 67 -3.37 -20.80 -25.88
C THR B 67 -3.74 -21.19 -24.45
N ASP B 68 -2.72 -21.47 -23.67
CA ASP B 68 -2.86 -21.87 -22.27
C ASP B 68 -3.05 -20.67 -21.34
N GLU B 69 -2.91 -19.46 -21.87
CA GLU B 69 -3.02 -18.27 -21.02
C GLU B 69 -4.42 -17.80 -20.66
N CYS B 70 -5.35 -17.84 -21.60
CA CYS B 70 -6.69 -17.36 -21.29
C CYS B 70 -7.77 -18.06 -22.07
N LEU B 71 -9.00 -17.80 -21.67
CA LEU B 71 -10.17 -18.40 -22.29
C LEU B 71 -11.26 -17.35 -22.41
N TRP B 72 -11.90 -17.30 -23.57
CA TRP B 72 -12.99 -16.34 -23.80
C TRP B 72 -14.19 -16.94 -23.07
N ALA B 73 -14.75 -16.16 -22.15
CA ALA B 73 -15.87 -16.60 -21.32
C ALA B 73 -17.19 -16.92 -22.00
N TRP B 74 -17.55 -16.14 -23.01
CA TRP B 74 -18.82 -16.35 -23.70
C TRP B 74 -18.63 -17.01 -25.06
N GLN B 75 -18.66 -18.34 -25.04
CA GLN B 75 -18.45 -19.16 -26.22
C GLN B 75 -19.50 -19.06 -27.33
N LYS B 76 -20.52 -18.22 -27.15
CA LYS B 76 -21.54 -18.07 -28.17
C LYS B 76 -21.19 -16.97 -29.18
N ASN B 77 -20.20 -16.15 -28.84
CA ASN B 77 -19.76 -15.07 -29.72
C ASN B 77 -19.19 -15.67 -31.01
N GLN B 78 -19.30 -14.95 -32.12
CA GLN B 78 -18.82 -15.45 -33.40
C GLN B 78 -17.34 -15.81 -33.46
N ASP B 79 -17.09 -17.00 -34.02
CA ASP B 79 -15.75 -17.53 -34.23
C ASP B 79 -14.93 -17.75 -32.96
N ILE B 80 -15.57 -17.67 -31.79
CA ILE B 80 -14.86 -17.88 -30.53
C ILE B 80 -14.56 -19.35 -30.26
N PRO B 81 -15.52 -20.25 -30.51
CA PRO B 81 -15.23 -21.66 -30.25
C PRO B 81 -14.05 -22.13 -31.09
N GLN B 82 -13.99 -21.63 -32.32
CA GLN B 82 -12.93 -21.97 -33.27
C GLN B 82 -11.56 -21.49 -32.78
N LEU B 83 -11.50 -20.24 -32.35
CA LEU B 83 -10.24 -19.67 -31.85
C LEU B 83 -9.83 -20.30 -30.53
N THR B 84 -10.83 -20.67 -29.74
CA THR B 84 -10.59 -21.29 -28.44
C THR B 84 -10.00 -22.69 -28.53
N SER B 85 -10.52 -23.47 -29.48
CA SER B 85 -10.12 -24.87 -29.66
C SER B 85 -9.15 -25.19 -30.81
N ILE B 86 -8.65 -24.15 -31.48
CA ILE B 86 -7.73 -24.35 -32.60
C ILE B 86 -8.44 -25.22 -33.65
N SER B 87 -9.61 -24.79 -34.06
CA SER B 87 -10.41 -25.54 -35.05
C SER B 87 -11.01 -24.63 -36.12
N TRP B 88 -10.37 -23.49 -36.36
CA TRP B 88 -10.84 -22.53 -37.36
C TRP B 88 -10.68 -23.05 -38.79
N SER B 89 -11.31 -22.35 -39.73
CA SER B 89 -11.24 -22.70 -41.16
C SER B 89 -10.95 -21.42 -41.93
N PRO B 90 -10.78 -21.52 -43.26
CA PRO B 90 -10.51 -20.31 -44.04
C PRO B 90 -11.64 -19.26 -44.01
N SER B 91 -12.81 -19.64 -43.52
CA SER B 91 -13.92 -18.69 -43.46
C SER B 91 -13.96 -17.97 -42.11
N SER B 92 -12.95 -18.21 -41.28
CA SER B 92 -12.84 -17.59 -39.97
C SER B 92 -12.87 -16.07 -40.06
N GLN B 93 -13.83 -15.44 -39.38
CA GLN B 93 -13.92 -13.99 -39.41
C GLN B 93 -12.80 -13.34 -38.60
N ARG B 94 -12.45 -13.95 -37.47
CA ARG B 94 -11.38 -13.41 -36.61
C ARG B 94 -10.07 -13.41 -37.39
N THR B 95 -9.89 -14.42 -38.24
CA THR B 95 -8.69 -14.53 -39.05
C THR B 95 -8.71 -13.46 -40.13
N GLU B 96 -9.87 -13.24 -40.73
CA GLU B 96 -9.96 -12.23 -41.78
C GLU B 96 -9.68 -10.85 -41.20
N TRP B 97 -10.17 -10.60 -39.98
CA TRP B 97 -9.96 -9.31 -39.35
C TRP B 97 -8.47 -8.97 -39.19
N VAL B 98 -7.69 -9.92 -38.68
CA VAL B 98 -6.27 -9.66 -38.49
C VAL B 98 -5.53 -9.51 -39.82
N TYR B 99 -5.90 -10.33 -40.80
CA TYR B 99 -5.29 -10.31 -42.13
C TYR B 99 -5.54 -8.97 -42.84
N VAL B 100 -6.80 -8.55 -42.83
CA VAL B 100 -7.18 -7.30 -43.48
C VAL B 100 -6.55 -6.09 -42.79
N ARG B 101 -6.51 -6.12 -41.47
CA ARG B 101 -5.92 -5.03 -40.71
C ARG B 101 -4.42 -4.90 -40.97
N LEU B 102 -3.70 -6.02 -40.92
CA LEU B 102 -2.27 -5.97 -41.17
C LEU B 102 -2.00 -5.41 -42.57
N GLY B 103 -2.76 -5.89 -43.56
CA GLY B 103 -2.59 -5.41 -44.91
C GLY B 103 -2.90 -3.94 -45.08
N TYR B 104 -4.00 -3.50 -44.49
CA TYR B 104 -4.40 -2.10 -44.59
C TYR B 104 -3.33 -1.17 -44.02
N ASP B 105 -2.84 -1.50 -42.82
CA ASP B 105 -1.82 -0.67 -42.19
C ASP B 105 -0.60 -0.52 -43.13
N ILE B 106 -0.18 -1.63 -43.73
CA ILE B 106 0.97 -1.58 -44.64
C ILE B 106 0.70 -0.69 -45.86
N THR B 107 -0.54 -0.67 -46.36
CA THR B 107 -0.82 0.19 -47.51
C THR B 107 -0.62 1.65 -47.12
N GLN B 108 -0.93 1.99 -45.87
CA GLN B 108 -0.76 3.35 -45.40
C GLN B 108 0.73 3.69 -45.23
N TYR B 109 1.51 2.71 -44.78
CA TYR B 109 2.94 2.94 -44.63
C TYR B 109 3.56 3.13 -46.02
N ASN B 110 3.12 2.32 -46.98
CA ASN B 110 3.63 2.43 -48.34
C ASN B 110 3.28 3.79 -48.94
N PHE B 111 2.07 4.27 -48.63
CA PHE B 111 1.65 5.57 -49.13
C PHE B 111 2.60 6.64 -48.60
N PHE B 112 2.87 6.61 -47.30
CA PHE B 112 3.77 7.59 -46.70
C PHE B 112 5.15 7.56 -47.35
N LEU B 113 5.68 6.36 -47.55
CA LEU B 113 7.00 6.20 -48.16
C LEU B 113 7.03 6.68 -49.60
N ASP B 114 5.95 6.44 -50.34
CA ASP B 114 5.91 6.89 -51.73
C ASP B 114 5.84 8.41 -51.81
N GLN B 115 5.08 9.02 -50.91
CA GLN B 115 4.92 10.48 -50.90
C GLN B 115 6.15 11.24 -50.42
N THR B 116 7.02 10.60 -49.65
CA THR B 116 8.19 11.28 -49.13
C THR B 116 9.49 10.88 -49.81
N GLU B 117 9.38 10.09 -50.87
CA GLU B 117 10.54 9.63 -51.62
C GLU B 117 11.38 10.82 -52.10
N GLY B 118 12.69 10.73 -51.91
CA GLY B 118 13.56 11.81 -52.36
C GLY B 118 13.87 12.87 -51.33
N MET B 119 13.10 12.92 -50.24
CA MET B 119 13.35 13.90 -49.21
C MET B 119 14.55 13.49 -48.36
N THR B 120 15.43 14.43 -48.08
CA THR B 120 16.62 14.14 -47.31
C THR B 120 16.79 14.93 -46.02
N ASP B 121 15.80 15.72 -45.64
CA ASP B 121 15.92 16.47 -44.40
C ASP B 121 16.01 15.47 -43.25
N ALA B 122 16.71 15.84 -42.18
CA ALA B 122 16.91 14.96 -41.04
C ALA B 122 15.67 14.28 -40.47
N GLU B 123 14.61 15.06 -40.22
CA GLU B 123 13.40 14.49 -39.64
C GLU B 123 12.72 13.50 -40.58
N THR B 124 12.65 13.83 -41.87
CA THR B 124 12.01 12.92 -42.80
C THR B 124 12.79 11.60 -42.89
N LEU B 125 14.12 11.67 -42.76
CA LEU B 125 14.89 10.44 -42.81
C LEU B 125 14.51 9.57 -41.60
N ARG B 126 14.33 10.20 -40.45
CA ARG B 126 13.95 9.46 -39.25
C ARG B 126 12.54 8.89 -39.42
N GLN B 127 11.63 9.71 -39.95
CA GLN B 127 10.26 9.27 -40.15
C GLN B 127 10.16 8.10 -41.11
N ARG B 128 10.86 8.17 -42.23
CA ARG B 128 10.84 7.07 -43.20
C ARG B 128 11.39 5.79 -42.60
N ALA B 129 12.45 5.92 -41.80
CA ALA B 129 13.03 4.75 -41.15
C ALA B 129 12.03 4.14 -40.18
N GLU B 130 11.37 5.00 -39.40
CA GLU B 130 10.38 4.53 -38.43
C GLU B 130 9.18 3.89 -39.11
N ILE B 131 8.74 4.45 -40.23
CA ILE B 131 7.61 3.89 -40.94
C ILE B 131 8.01 2.53 -41.54
N ARG B 132 9.24 2.43 -42.03
CA ARG B 132 9.70 1.14 -42.55
C ARG B 132 9.79 0.14 -41.39
N PHE B 133 10.12 0.62 -40.20
CA PHE B 133 10.16 -0.27 -39.04
C PHE B 133 8.76 -0.80 -38.74
N LEU B 134 7.78 0.10 -38.73
CA LEU B 134 6.40 -0.32 -38.46
C LEU B 134 5.92 -1.29 -39.54
N ARG B 135 6.30 -1.03 -40.79
CA ARG B 135 5.91 -1.92 -41.87
C ARG B 135 6.56 -3.30 -41.66
N ALA B 136 7.82 -3.30 -41.24
CA ALA B 136 8.53 -4.54 -40.98
C ALA B 136 7.86 -5.32 -39.87
N LEU B 137 7.43 -4.61 -38.82
CA LEU B 137 6.76 -5.24 -37.70
C LEU B 137 5.48 -5.92 -38.19
N HIS B 138 4.74 -5.24 -39.06
CA HIS B 138 3.51 -5.79 -39.62
C HIS B 138 3.80 -7.03 -40.45
N TYR B 139 4.89 -6.99 -41.23
CA TYR B 139 5.23 -8.17 -42.03
C TYR B 139 5.66 -9.31 -41.10
N TRP B 140 6.23 -8.99 -39.93
CA TRP B 140 6.59 -10.06 -39.00
C TRP B 140 5.30 -10.78 -38.56
N TYR B 141 4.24 -10.00 -38.28
CA TYR B 141 2.99 -10.60 -37.88
C TYR B 141 2.47 -11.49 -39.00
N PHE B 142 2.56 -11.05 -40.24
CA PHE B 142 2.10 -11.89 -41.35
C PHE B 142 2.91 -13.19 -41.35
N LEU B 143 4.22 -13.06 -41.24
CA LEU B 143 5.10 -14.23 -41.25
C LEU B 143 4.81 -15.17 -40.08
N ASP B 144 4.70 -14.62 -38.89
CA ASP B 144 4.47 -15.43 -37.71
C ASP B 144 3.10 -16.12 -37.67
N LEU B 145 2.07 -15.40 -38.11
CA LEU B 145 0.70 -15.92 -38.11
C LEU B 145 0.34 -16.78 -39.32
N PHE B 146 0.78 -16.36 -40.50
CA PHE B 146 0.44 -17.05 -41.75
C PHE B 146 1.59 -17.72 -42.48
N GLY B 147 2.82 -17.39 -42.11
CA GLY B 147 3.98 -17.98 -42.78
C GLY B 147 4.26 -17.33 -44.13
N LYS B 148 3.46 -16.33 -44.48
CA LYS B 148 3.60 -15.64 -45.75
C LYS B 148 2.80 -14.35 -45.68
N ALA B 149 2.89 -13.53 -46.71
CA ALA B 149 2.16 -12.28 -46.71
C ALA B 149 1.80 -11.77 -48.10
N PRO B 150 0.70 -11.00 -48.19
CA PRO B 150 0.29 -10.43 -49.47
C PRO B 150 1.27 -9.25 -49.52
N PHE B 151 2.28 -9.36 -50.38
CA PHE B 151 3.34 -8.37 -50.46
C PHE B 151 3.24 -7.24 -51.48
N LYS B 152 3.48 -6.03 -51.00
CA LYS B 152 3.49 -4.82 -51.82
C LYS B 152 4.50 -3.86 -51.21
N GLU B 153 5.34 -3.28 -52.07
CA GLU B 153 6.36 -2.32 -51.63
C GLU B 153 5.85 -0.91 -51.82
N HIS B 154 4.93 -0.73 -52.76
CA HIS B 154 4.39 0.59 -53.06
C HIS B 154 2.87 0.65 -52.98
N PHE B 155 2.35 1.88 -53.01
CA PHE B 155 0.92 2.14 -52.95
C PHE B 155 0.39 2.21 -54.38
N SER B 156 -0.45 1.26 -54.77
CA SER B 156 -1.01 1.23 -56.11
C SER B 156 -2.26 0.36 -56.16
N ASN B 157 -2.82 0.19 -57.35
CA ASN B 157 -4.01 -0.63 -57.52
C ASN B 157 -3.66 -2.07 -57.90
N ASP B 158 -2.37 -2.34 -58.07
CA ASP B 158 -1.92 -3.67 -58.43
C ASP B 158 -2.14 -4.65 -57.28
N LEU B 159 -2.48 -5.89 -57.61
CA LEU B 159 -2.71 -6.91 -56.60
C LEU B 159 -1.40 -7.30 -55.92
N PRO B 160 -1.43 -7.50 -54.60
CA PRO B 160 -0.19 -7.88 -53.92
C PRO B 160 0.25 -9.25 -54.42
N VAL B 161 1.54 -9.53 -54.35
CA VAL B 161 2.07 -10.82 -54.77
C VAL B 161 2.43 -11.57 -53.49
N GLU B 162 2.50 -12.89 -53.58
CA GLU B 162 2.80 -13.69 -52.40
C GLU B 162 4.29 -13.74 -52.10
N LYS B 163 4.67 -13.37 -50.87
CA LYS B 163 6.07 -13.47 -50.45
C LYS B 163 5.99 -14.40 -49.24
N LYS B 164 6.61 -15.57 -49.35
CA LYS B 164 6.53 -16.55 -48.28
C LYS B 164 7.80 -16.89 -47.54
N GLY B 165 7.61 -17.60 -46.43
CA GLY B 165 8.68 -18.07 -45.57
C GLY B 165 10.02 -17.38 -45.56
N THR B 166 11.04 -18.09 -46.02
CA THR B 166 12.39 -17.56 -46.03
C THR B 166 12.55 -16.24 -46.77
N GLU B 167 11.89 -16.07 -47.92
CA GLU B 167 12.00 -14.81 -48.65
C GLU B 167 11.42 -13.66 -47.83
N LEU B 168 10.28 -13.89 -47.19
CA LEU B 168 9.66 -12.85 -46.38
C LEU B 168 10.56 -12.55 -45.19
N TYR B 169 11.08 -13.59 -44.57
CA TYR B 169 11.97 -13.46 -43.42
C TYR B 169 13.17 -12.58 -43.80
N THR B 170 13.82 -12.93 -44.91
CA THR B 170 14.99 -12.18 -45.37
C THR B 170 14.65 -10.73 -45.68
N TYR B 171 13.47 -10.50 -46.23
CA TYR B 171 13.05 -9.13 -46.56
C TYR B 171 12.96 -8.28 -45.30
N ILE B 172 12.33 -8.83 -44.26
CA ILE B 172 12.16 -8.12 -43.01
C ILE B 172 13.49 -7.80 -42.35
N GLN B 173 14.38 -8.80 -42.29
CA GLN B 173 15.69 -8.58 -41.69
C GLN B 173 16.47 -7.52 -42.48
N ASN B 174 16.36 -7.56 -43.80
CA ASN B 174 17.06 -6.57 -44.62
C ASN B 174 16.53 -5.17 -44.38
N GLU B 175 15.21 -5.05 -44.24
CA GLU B 175 14.59 -3.75 -43.97
C GLU B 175 15.14 -3.18 -42.67
N LEU B 176 15.12 -3.99 -41.62
CA LEU B 176 15.61 -3.55 -40.31
C LEU B 176 17.10 -3.21 -40.37
N ASN B 177 17.87 -4.00 -41.12
CA ASN B 177 19.30 -3.73 -41.24
C ASN B 177 19.55 -2.39 -41.96
N GLU B 178 18.81 -2.16 -43.03
CA GLU B 178 18.96 -0.94 -43.82
C GLU B 178 18.58 0.36 -43.12
N ILE B 179 17.52 0.32 -42.33
CA ILE B 179 17.02 1.52 -41.65
C ILE B 179 17.64 1.89 -40.30
N GLU B 180 18.39 0.96 -39.70
CA GLU B 180 18.98 1.22 -38.39
C GLU B 180 19.72 2.54 -38.26
N ALA B 181 20.61 2.82 -39.20
CA ALA B 181 21.40 4.04 -39.16
C ALA B 181 20.62 5.35 -39.08
N ASP B 182 19.41 5.37 -39.64
CA ASP B 182 18.61 6.58 -39.62
C ASP B 182 17.68 6.75 -38.44
N MET B 183 17.67 5.77 -37.54
CA MET B 183 16.80 5.83 -36.36
C MET B 183 17.48 6.48 -35.16
N TYR B 184 16.67 7.01 -34.25
CA TYR B 184 17.15 7.63 -33.02
C TYR B 184 17.93 6.62 -32.19
N GLU B 185 18.90 7.09 -31.42
CA GLU B 185 19.65 6.20 -30.55
C GLU B 185 18.68 5.78 -29.42
N PRO B 186 18.98 4.70 -28.69
CA PRO B 186 18.09 4.25 -27.62
C PRO B 186 17.69 5.34 -26.63
N ARG B 187 16.37 5.42 -26.42
CA ARG B 187 15.72 6.38 -25.52
C ARG B 187 15.86 7.84 -25.96
N GLN B 188 16.31 8.08 -27.18
CA GLN B 188 16.46 9.45 -27.65
C GLN B 188 15.29 9.95 -28.49
N ALA B 189 14.37 9.06 -28.84
CA ALA B 189 13.21 9.47 -29.65
C ALA B 189 12.08 9.93 -28.75
N PRO B 190 11.14 10.71 -29.30
CA PRO B 190 10.02 11.16 -28.48
C PRO B 190 9.32 9.89 -28.00
N PHE B 191 8.84 9.89 -26.75
CA PHE B 191 8.17 8.69 -26.22
C PHE B 191 6.97 8.34 -27.08
N GLY B 192 6.97 7.11 -27.59
CA GLY B 192 5.92 6.64 -28.47
C GLY B 192 6.49 6.26 -29.82
N ARG B 193 7.71 6.72 -30.12
CA ARG B 193 8.34 6.41 -31.39
C ARG B 193 9.44 5.37 -31.23
N ALA B 194 9.71 4.65 -32.33
CA ALA B 194 10.70 3.58 -32.34
C ALA B 194 12.12 4.05 -32.58
N ASP B 195 13.04 3.52 -31.76
CA ASP B 195 14.46 3.85 -31.89
C ASP B 195 15.25 2.61 -32.28
N LYS B 196 16.58 2.73 -32.30
CA LYS B 196 17.43 1.61 -32.70
C LYS B 196 17.22 0.35 -31.87
N ALA B 197 16.91 0.51 -30.59
CA ALA B 197 16.70 -0.64 -29.72
C ALA B 197 15.42 -1.39 -30.12
N ALA B 198 14.41 -0.67 -30.59
CA ALA B 198 13.17 -1.32 -31.03
C ALA B 198 13.52 -2.17 -32.26
N ASN B 199 14.39 -1.62 -33.10
CA ASN B 199 14.87 -2.29 -34.30
C ASN B 199 15.60 -3.58 -33.88
N TRP B 200 16.57 -3.45 -32.98
CA TRP B 200 17.34 -4.60 -32.51
C TRP B 200 16.48 -5.69 -31.86
N LEU B 201 15.49 -5.29 -31.09
CA LEU B 201 14.64 -6.26 -30.41
C LEU B 201 13.80 -7.06 -31.40
N LEU B 202 13.28 -6.39 -32.42
CA LEU B 202 12.50 -7.10 -33.43
C LEU B 202 13.42 -8.06 -34.17
N ARG B 203 14.65 -7.64 -34.45
CA ARG B 203 15.58 -8.52 -35.13
C ARG B 203 15.90 -9.73 -34.23
N ALA B 204 16.05 -9.50 -32.93
CA ALA B 204 16.34 -10.60 -32.00
C ALA B 204 15.18 -11.59 -32.02
N ARG B 205 13.95 -11.08 -32.06
CA ARG B 205 12.77 -11.93 -32.11
C ARG B 205 12.74 -12.74 -33.40
N LEU B 206 13.08 -12.11 -34.51
CA LEU B 206 13.13 -12.78 -35.81
C LEU B 206 14.19 -13.89 -35.79
N TYR B 207 15.39 -13.56 -35.33
CA TYR B 207 16.46 -14.56 -35.26
C TYR B 207 16.08 -15.72 -34.36
N LEU B 208 15.43 -15.42 -33.23
CA LEU B 208 15.04 -16.47 -32.29
C LEU B 208 14.09 -17.46 -32.96
N ASN B 209 13.23 -16.94 -33.83
CA ASN B 209 12.23 -17.74 -34.54
C ASN B 209 12.65 -18.15 -35.96
N ALA B 210 13.92 -17.93 -36.30
CA ALA B 210 14.40 -18.27 -37.65
C ALA B 210 14.20 -19.73 -38.01
N GLY B 211 14.33 -20.62 -37.03
CA GLY B 211 14.13 -22.03 -37.30
C GLY B 211 12.72 -22.29 -37.79
N VAL B 212 11.75 -21.64 -37.14
CA VAL B 212 10.35 -21.80 -37.52
C VAL B 212 10.09 -21.25 -38.92
N TYR B 213 10.55 -20.02 -39.16
CA TYR B 213 10.31 -19.35 -40.43
C TYR B 213 11.13 -19.81 -41.64
N THR B 214 12.34 -20.29 -41.41
CA THR B 214 13.22 -20.71 -42.51
C THR B 214 13.72 -22.15 -42.45
N GLY B 215 13.54 -22.80 -41.32
CA GLY B 215 14.00 -24.18 -41.17
C GLY B 215 15.45 -24.21 -40.71
N GLN B 216 16.07 -23.03 -40.61
CA GLN B 216 17.45 -22.89 -40.17
C GLN B 216 17.51 -21.96 -38.97
N THR B 217 17.99 -22.47 -37.84
CA THR B 217 18.08 -21.66 -36.62
C THR B 217 19.27 -20.70 -36.69
N ASP B 218 19.23 -19.66 -35.87
CA ASP B 218 20.29 -18.67 -35.84
C ASP B 218 20.31 -18.07 -34.42
N TYR B 219 20.46 -18.94 -33.43
CA TYR B 219 20.44 -18.50 -32.04
C TYR B 219 21.58 -17.59 -31.62
N ALA B 220 22.74 -17.68 -32.28
CA ALA B 220 23.83 -16.80 -31.92
C ALA B 220 23.45 -15.36 -32.26
N LYS B 221 22.73 -15.18 -33.36
CA LYS B 221 22.29 -13.84 -33.78
C LYS B 221 21.17 -13.33 -32.86
N ALA B 222 20.29 -14.23 -32.42
CA ALA B 222 19.22 -13.83 -31.52
C ALA B 222 19.89 -13.30 -30.24
N GLU B 223 20.95 -13.99 -29.80
CA GLU B 223 21.68 -13.59 -28.61
C GLU B 223 22.37 -12.23 -28.81
N GLU B 224 22.99 -12.05 -29.97
CA GLU B 224 23.68 -10.81 -30.28
C GLU B 224 22.77 -9.59 -30.19
N TYR B 225 21.64 -9.65 -30.89
CA TYR B 225 20.74 -8.51 -30.89
C TYR B 225 20.06 -8.30 -29.54
N ALA B 226 19.77 -9.38 -28.82
CA ALA B 226 19.18 -9.25 -27.50
C ALA B 226 20.21 -8.55 -26.60
N SER B 227 21.48 -8.91 -26.75
CA SER B 227 22.52 -8.28 -25.95
C SER B 227 22.69 -6.80 -26.28
N LYS B 228 22.50 -6.43 -27.54
CA LYS B 228 22.59 -5.04 -27.94
C LYS B 228 21.51 -4.23 -27.21
N VAL B 229 20.32 -4.81 -27.07
CA VAL B 229 19.24 -4.14 -26.37
C VAL B 229 19.57 -4.02 -24.88
N ILE B 230 20.07 -5.10 -24.30
CA ILE B 230 20.42 -5.11 -22.88
C ILE B 230 21.56 -4.13 -22.57
N GLY B 231 22.45 -3.94 -23.52
CA GLY B 231 23.56 -3.02 -23.31
C GLY B 231 23.19 -1.57 -23.54
N SER B 232 21.95 -1.32 -23.92
CA SER B 232 21.49 0.05 -24.16
C SER B 232 21.04 0.76 -22.87
N ALA B 233 20.60 1.99 -23.03
CA ALA B 233 20.15 2.81 -21.91
C ALA B 233 18.88 2.31 -21.22
N TYR B 234 18.16 1.40 -21.87
CA TYR B 234 16.95 0.86 -21.27
C TYR B 234 17.31 0.04 -20.04
N LYS B 235 16.42 0.04 -19.06
CA LYS B 235 16.61 -0.69 -17.80
C LYS B 235 15.28 -1.28 -17.35
N LEU B 236 15.34 -2.27 -16.47
CA LEU B 236 14.13 -2.92 -15.98
C LEU B 236 13.41 -2.12 -14.90
N CYS B 237 12.08 -2.04 -15.03
CA CYS B 237 11.26 -1.36 -14.05
C CYS B 237 11.38 -2.15 -12.73
N THR B 238 11.53 -1.46 -11.61
CA THR B 238 11.69 -2.15 -10.32
C THR B 238 10.41 -2.71 -9.71
N ASN B 239 9.27 -2.34 -10.30
CA ASN B 239 7.96 -2.80 -9.82
C ASN B 239 7.21 -3.27 -11.06
N TYR B 240 7.15 -4.58 -11.25
CA TYR B 240 6.48 -5.17 -12.42
C TYR B 240 5.10 -4.60 -12.74
N SER B 241 4.24 -4.54 -11.74
CA SER B 241 2.90 -4.04 -11.94
C SER B 241 2.82 -2.64 -12.55
N GLU B 242 3.77 -1.78 -12.24
CA GLU B 242 3.74 -0.41 -12.77
C GLU B 242 3.84 -0.32 -14.30
N LEU B 243 4.38 -1.35 -14.93
CA LEU B 243 4.50 -1.37 -16.38
C LEU B 243 3.13 -1.41 -17.06
N PHE B 244 2.14 -1.87 -16.33
CA PHE B 244 0.80 -2.04 -16.86
C PHE B 244 -0.26 -1.16 -16.19
N MET B 245 0.19 -0.02 -15.68
CA MET B 245 -0.70 0.94 -15.00
C MET B 245 -0.93 2.19 -15.84
N ALA B 246 -1.95 2.96 -15.45
CA ALA B 246 -2.35 4.15 -16.19
C ALA B 246 -1.35 5.27 -16.41
N ASP B 247 -0.31 5.32 -15.57
CA ASP B 247 0.68 6.37 -15.73
C ASP B 247 1.99 5.84 -16.28
N ASN B 248 1.92 4.74 -17.03
CA ASN B 248 3.14 4.15 -17.60
C ASN B 248 3.76 4.98 -18.72
N ASP B 249 3.19 6.16 -18.99
CA ASP B 249 3.72 7.06 -20.01
C ASP B 249 4.33 8.28 -19.30
N GLU B 250 4.33 8.25 -17.97
CA GLU B 250 4.87 9.36 -17.17
C GLU B 250 5.80 8.89 -16.05
N ASN B 251 5.57 7.68 -15.57
CA ASN B 251 6.35 7.06 -14.50
C ASN B 251 7.68 6.57 -15.07
N GLU B 252 8.77 7.26 -14.75
CA GLU B 252 10.10 6.89 -15.25
C GLU B 252 10.49 5.45 -14.93
N ASN B 253 10.04 4.95 -13.79
CA ASN B 253 10.36 3.57 -13.41
C ASN B 253 9.86 2.61 -14.48
N ALA B 254 8.70 2.91 -15.05
CA ALA B 254 8.13 2.09 -16.12
C ALA B 254 8.69 2.46 -17.49
N MET B 255 8.78 3.75 -17.76
CA MET B 255 9.26 4.21 -19.07
C MET B 255 10.66 3.72 -19.44
N GLN B 256 11.52 3.57 -18.45
CA GLN B 256 12.89 3.13 -18.72
C GLN B 256 12.98 1.74 -19.34
N GLU B 257 11.90 0.96 -19.24
CA GLU B 257 11.87 -0.39 -19.79
C GLU B 257 11.08 -0.49 -21.08
N ILE B 258 10.17 0.45 -21.28
CA ILE B 258 9.29 0.43 -22.45
C ILE B 258 9.93 0.96 -23.73
N ILE B 259 10.39 0.01 -24.54
CA ILE B 259 11.07 0.27 -25.80
C ILE B 259 10.10 0.73 -26.89
N LEU B 260 8.88 0.22 -26.87
CA LEU B 260 7.89 0.65 -27.86
C LEU B 260 6.51 0.67 -27.23
N PRO B 261 6.03 1.85 -26.84
CA PRO B 261 4.70 1.95 -26.24
C PRO B 261 3.65 2.27 -27.30
N ILE B 262 2.45 1.74 -27.11
CA ILE B 262 1.34 2.06 -27.98
C ILE B 262 0.60 3.02 -27.05
N ARG B 263 0.67 4.31 -27.35
CA ARG B 263 0.05 5.34 -26.53
C ARG B 263 -1.47 5.25 -26.55
N GLN B 264 -2.07 5.32 -25.36
CA GLN B 264 -3.52 5.27 -25.20
C GLN B 264 -3.93 6.39 -24.26
N ASP B 265 -5.14 6.93 -24.46
CA ASP B 265 -5.65 8.01 -23.61
C ASP B 265 -7.16 7.82 -23.51
N GLY B 266 -7.67 7.74 -22.29
CA GLY B 266 -9.09 7.53 -22.09
C GLY B 266 -10.02 8.43 -22.88
N VAL B 267 -9.79 9.74 -22.80
CA VAL B 267 -10.65 10.69 -23.51
C VAL B 267 -10.42 10.76 -25.02
N LYS B 268 -9.25 10.33 -25.48
CA LYS B 268 -8.93 10.37 -26.90
C LYS B 268 -9.19 9.03 -27.60
N THR B 269 -8.63 7.95 -27.06
CA THR B 269 -8.79 6.63 -27.63
C THR B 269 -10.20 6.08 -27.33
N ARG B 270 -10.71 6.45 -26.17
CA ARG B 270 -12.04 6.04 -25.73
C ARG B 270 -12.29 4.53 -25.77
N ASN B 271 -13.41 4.11 -26.35
CA ASN B 271 -13.73 2.68 -26.36
C ASN B 271 -13.13 1.88 -27.52
N TYR B 272 -12.32 2.53 -28.37
CA TYR B 272 -11.74 1.86 -29.52
C TYR B 272 -10.26 1.53 -29.46
N GLY B 273 -9.70 1.49 -28.26
CA GLY B 273 -8.28 1.21 -28.15
C GLY B 273 -7.95 -0.23 -27.80
N GLY B 274 -6.64 -0.49 -27.69
CA GLY B 274 -6.20 -1.82 -27.34
C GLY B 274 -6.35 -2.06 -25.85
N SER B 275 -5.92 -1.09 -25.04
CA SER B 275 -6.03 -1.27 -23.59
C SER B 275 -7.47 -1.25 -23.10
N THR B 276 -8.38 -0.75 -23.92
CA THR B 276 -9.80 -0.74 -23.56
C THR B 276 -10.16 -2.21 -23.31
N TYR B 277 -9.71 -3.07 -24.22
CA TYR B 277 -9.96 -4.50 -24.14
C TYR B 277 -9.17 -5.17 -23.01
N LEU B 278 -7.91 -4.80 -22.86
CA LEU B 278 -7.08 -5.40 -21.83
C LEU B 278 -7.62 -5.16 -20.41
N VAL B 279 -8.19 -3.98 -20.18
CA VAL B 279 -8.76 -3.66 -18.87
C VAL B 279 -10.24 -4.04 -18.76
N CYS B 280 -11.07 -3.47 -19.61
CA CYS B 280 -12.50 -3.77 -19.57
C CYS B 280 -12.78 -5.25 -19.83
N GLY B 281 -12.04 -5.83 -20.77
CA GLY B 281 -12.24 -7.23 -21.12
C GLY B 281 -11.91 -8.26 -20.05
N THR B 282 -11.12 -7.87 -19.06
CA THR B 282 -10.73 -8.81 -17.99
C THR B 282 -11.46 -8.56 -16.67
N ARG B 283 -12.39 -7.62 -16.67
CA ARG B 283 -13.13 -7.28 -15.46
C ARG B 283 -14.63 -7.55 -15.58
N VAL B 284 -15.27 -7.65 -14.42
CA VAL B 284 -16.71 -7.88 -14.34
C VAL B 284 -17.22 -7.10 -13.12
N ALA B 285 -18.48 -6.67 -13.18
CA ALA B 285 -19.06 -5.93 -12.08
C ALA B 285 -18.89 -6.70 -10.77
N GLY B 286 -18.59 -5.97 -9.70
CA GLY B 286 -18.42 -6.61 -8.41
C GLY B 286 -16.96 -6.73 -7.98
N MET B 287 -16.05 -6.78 -8.95
CA MET B 287 -14.64 -6.90 -8.64
C MET B 287 -14.13 -5.61 -8.00
N PRO B 288 -13.21 -5.74 -7.02
CA PRO B 288 -12.70 -4.52 -6.38
C PRO B 288 -11.71 -3.82 -7.32
N ARG B 289 -11.70 -2.48 -7.29
CA ARG B 289 -10.80 -1.70 -8.13
C ARG B 289 -10.84 -2.10 -9.61
N MET B 290 -12.02 -2.04 -10.21
CA MET B 290 -12.16 -2.40 -11.62
C MET B 290 -11.40 -1.43 -12.53
N GLY B 291 -11.34 -0.17 -12.14
CA GLY B 291 -10.66 0.84 -12.94
C GLY B 291 -11.53 1.30 -14.09
N THR B 292 -12.76 0.80 -14.13
CA THR B 292 -13.71 1.15 -15.17
C THR B 292 -15.13 0.88 -14.70
N THR B 293 -16.07 1.59 -15.29
CA THR B 293 -17.48 1.42 -14.96
C THR B 293 -18.10 0.31 -15.80
N ASN B 294 -17.36 -0.15 -16.81
CA ASN B 294 -17.88 -1.19 -17.69
C ASN B 294 -16.98 -2.40 -17.88
N GLY B 295 -17.26 -3.46 -17.12
CA GLY B 295 -16.50 -4.68 -17.23
C GLY B 295 -17.15 -5.58 -18.27
N TRP B 296 -16.39 -5.94 -19.31
CA TRP B 296 -16.91 -6.77 -20.39
C TRP B 296 -16.93 -8.26 -20.07
N SER B 297 -16.12 -8.67 -19.09
CA SER B 297 -16.01 -10.08 -18.70
C SER B 297 -15.77 -10.99 -19.90
N ILE B 299 -12.40 -12.31 -21.04
CA ILE B 299 -11.42 -13.37 -20.84
C ILE B 299 -10.91 -13.55 -19.41
N PHE B 300 -10.61 -14.80 -19.08
CA PHE B 300 -10.08 -15.14 -17.77
C PHE B 300 -8.94 -16.14 -17.96
N ALA B 301 -8.24 -16.45 -16.88
CA ALA B 301 -7.11 -17.37 -16.95
C ALA B 301 -7.48 -18.86 -17.01
N ARG B 302 -6.80 -19.61 -17.87
CA ARG B 302 -7.04 -21.03 -17.92
C ARG B 302 -6.32 -21.59 -16.70
N ALA B 303 -6.66 -22.81 -16.28
CA ALA B 303 -6.01 -23.40 -15.13
C ALA B 303 -4.51 -23.53 -15.38
N ALA B 304 -4.13 -23.82 -16.62
CA ALA B 304 -2.71 -23.97 -16.96
C ALA B 304 -1.92 -22.68 -16.75
N MET B 305 -2.60 -21.54 -16.87
CA MET B 305 -1.96 -20.24 -16.67
C MET B 305 -1.68 -20.06 -15.18
N VAL B 306 -2.67 -20.40 -14.36
CA VAL B 306 -2.53 -20.29 -12.91
C VAL B 306 -1.40 -21.22 -12.46
N GLN B 307 -1.30 -22.39 -13.09
CA GLN B 307 -0.27 -23.36 -12.73
C GLN B 307 1.14 -22.85 -12.99
N LYS B 308 1.28 -21.81 -13.80
CA LYS B 308 2.59 -21.24 -14.09
C LYS B 308 3.14 -20.60 -12.82
N PHE B 309 2.24 -20.19 -11.92
CA PHE B 309 2.64 -19.58 -10.67
C PHE B 309 2.52 -20.55 -9.50
N PHE B 310 1.67 -21.57 -9.66
CA PHE B 310 1.47 -22.59 -8.63
C PHE B 310 1.52 -23.97 -9.29
N SER B 311 2.70 -24.59 -9.26
CA SER B 311 2.87 -25.91 -9.87
C SER B 311 1.82 -26.88 -9.33
N ASN B 312 1.52 -26.73 -8.04
CA ASN B 312 0.51 -27.55 -7.38
C ASN B 312 -0.69 -26.62 -7.21
N LEU B 313 -1.72 -26.83 -8.00
CA LEU B 313 -2.90 -25.98 -7.95
C LEU B 313 -3.61 -25.98 -6.60
N GLU B 314 -3.30 -26.97 -5.76
CA GLU B 314 -3.91 -27.02 -4.44
C GLU B 314 -3.34 -25.91 -3.57
N ASP B 315 -2.26 -25.29 -4.02
CA ASP B 315 -1.62 -24.21 -3.27
C ASP B 315 -2.21 -22.84 -3.60
N VAL B 316 -3.07 -22.79 -4.60
CA VAL B 316 -3.69 -21.52 -4.98
C VAL B 316 -4.70 -21.06 -3.94
N PRO B 317 -4.56 -19.82 -3.42
CA PRO B 317 -5.51 -19.32 -2.43
C PRO B 317 -6.93 -19.36 -3.01
N MET B 318 -7.82 -20.04 -2.32
CA MET B 318 -9.21 -20.17 -2.77
C MET B 318 -10.17 -20.16 -1.59
N LEU B 319 -11.39 -19.70 -1.85
CA LEU B 319 -12.42 -19.69 -0.82
C LEU B 319 -12.91 -21.13 -0.71
N PRO B 320 -13.06 -21.65 0.52
CA PRO B 320 -13.53 -23.02 0.65
C PRO B 320 -14.94 -23.15 0.09
N ALA B 321 -15.27 -24.33 -0.42
CA ALA B 321 -16.60 -24.55 -0.99
C ALA B 321 -17.66 -24.41 0.09
N ASP B 322 -17.33 -24.83 1.32
CA ASP B 322 -18.28 -24.78 2.42
C ASP B 322 -18.50 -23.39 3.01
N VAL B 323 -17.73 -22.41 2.55
CA VAL B 323 -17.90 -21.04 3.04
C VAL B 323 -18.81 -20.28 2.10
N GLU B 324 -19.95 -19.85 2.61
CA GLU B 324 -20.93 -19.11 1.81
C GLU B 324 -20.51 -17.68 1.55
N ILE B 325 -20.89 -17.16 0.40
CA ILE B 325 -20.60 -15.78 0.03
C ILE B 325 -21.87 -14.99 0.30
N PRO B 326 -21.83 -14.09 1.29
CA PRO B 326 -23.01 -13.28 1.63
C PRO B 326 -23.63 -12.59 0.43
N THR B 327 -24.95 -12.42 0.48
CA THR B 327 -25.68 -11.77 -0.59
C THR B 327 -25.90 -10.31 -0.23
N LYS B 328 -25.18 -9.84 0.78
CA LYS B 328 -25.26 -8.47 1.24
C LYS B 328 -23.94 -8.06 1.88
N GLY B 329 -23.70 -6.75 1.99
CA GLY B 329 -22.49 -6.26 2.61
C GLY B 329 -21.20 -6.42 1.83
N LEU B 330 -21.30 -6.55 0.51
CA LEU B 330 -20.13 -6.70 -0.34
C LEU B 330 -20.28 -5.83 -1.58
N ASP B 331 -20.68 -4.58 -1.36
CA ASP B 331 -20.89 -3.64 -2.47
C ASP B 331 -19.70 -2.70 -2.70
N THR B 332 -18.96 -2.39 -1.65
CA THR B 332 -17.82 -1.49 -1.76
C THR B 332 -16.49 -2.22 -1.80
N ASP B 333 -15.48 -1.58 -2.37
CA ASP B 333 -14.15 -2.17 -2.46
C ASP B 333 -13.68 -2.50 -1.04
N GLU B 334 -13.98 -1.62 -0.10
CA GLU B 334 -13.58 -1.81 1.29
C GLU B 334 -14.17 -3.09 1.89
N GLN B 335 -15.45 -3.32 1.67
CA GLN B 335 -16.11 -4.51 2.20
C GLN B 335 -15.56 -5.77 1.54
N ILE B 336 -15.39 -5.71 0.22
CA ILE B 336 -14.88 -6.84 -0.55
C ILE B 336 -13.46 -7.18 -0.10
N ASP B 337 -12.60 -6.16 0.00
CA ASP B 337 -11.23 -6.38 0.42
C ASP B 337 -11.12 -7.02 1.81
N ALA B 338 -11.96 -6.56 2.74
CA ALA B 338 -11.92 -7.11 4.10
C ALA B 338 -12.35 -8.58 4.11
N PHE B 339 -13.37 -8.91 3.33
CA PHE B 339 -13.83 -10.29 3.25
C PHE B 339 -12.73 -11.14 2.62
N ASP B 340 -12.16 -10.65 1.51
CA ASP B 340 -11.09 -11.39 0.84
C ASP B 340 -9.90 -11.56 1.79
N ALA B 341 -9.59 -10.52 2.56
CA ALA B 341 -8.47 -10.60 3.50
C ALA B 341 -8.71 -11.69 4.54
N GLU B 342 -9.92 -11.73 5.09
CA GLU B 342 -10.29 -12.71 6.09
C GLU B 342 -10.05 -14.13 5.56
N HIS B 343 -10.28 -14.31 4.26
CA HIS B 343 -10.12 -15.62 3.65
C HIS B 343 -8.86 -15.82 2.82
N GLY B 344 -7.94 -14.87 2.93
CA GLY B 344 -6.67 -14.94 2.22
C GLY B 344 -6.74 -14.95 0.71
N ILE B 345 -7.74 -14.29 0.15
CA ILE B 345 -7.90 -14.27 -1.29
C ILE B 345 -7.88 -12.90 -1.99
N ARG B 346 -7.20 -11.93 -1.40
CA ARG B 346 -7.04 -10.64 -2.06
C ARG B 346 -5.94 -10.92 -3.09
N THR B 347 -5.87 -10.12 -4.15
CA THR B 347 -4.80 -10.34 -5.12
C THR B 347 -3.44 -10.21 -4.44
N GLU B 348 -3.32 -9.34 -3.44
CA GLU B 348 -2.02 -9.23 -2.78
C GLU B 348 -1.70 -10.52 -2.03
N ASP B 349 -2.73 -11.26 -1.62
CA ASP B 349 -2.53 -12.54 -0.93
C ASP B 349 -2.12 -13.60 -1.97
N MET B 350 -2.66 -13.47 -3.17
CA MET B 350 -2.34 -14.38 -4.27
C MET B 350 -0.85 -14.25 -4.58
N ILE B 351 -0.38 -13.01 -4.65
CA ILE B 351 1.02 -12.72 -4.93
C ILE B 351 1.92 -13.26 -3.83
N LYS B 352 1.49 -13.13 -2.58
CA LYS B 352 2.31 -13.63 -1.47
C LYS B 352 2.41 -15.15 -1.53
N ALA B 353 1.30 -15.81 -1.80
CA ALA B 353 1.29 -17.27 -1.88
C ALA B 353 2.15 -17.75 -3.05
N ALA B 354 2.12 -17.02 -4.16
CA ALA B 354 2.89 -17.39 -5.35
C ALA B 354 4.37 -17.06 -5.20
N GLY B 355 4.70 -16.12 -4.32
CA GLY B 355 6.08 -15.72 -4.16
C GLY B 355 6.57 -15.14 -5.47
N ASP B 356 5.71 -14.40 -6.16
CA ASP B 356 6.05 -13.80 -7.45
C ASP B 356 5.14 -12.58 -7.68
N ASP B 357 5.75 -11.40 -7.84
CA ASP B 357 4.98 -10.17 -8.04
C ASP B 357 4.11 -10.21 -9.30
N ARG B 358 4.42 -11.10 -10.22
CA ARG B 358 3.69 -11.19 -11.47
C ARG B 358 2.38 -11.96 -11.41
N ALA B 359 2.11 -12.60 -10.27
CA ALA B 359 0.89 -13.39 -10.09
C ALA B 359 -0.33 -12.50 -9.85
N LEU B 360 -0.58 -11.62 -10.81
CA LEU B 360 -1.70 -10.67 -10.74
C LEU B 360 -3.02 -11.32 -11.15
N LEU B 361 -3.49 -12.23 -10.30
CA LEU B 361 -4.72 -12.96 -10.53
C LEU B 361 -5.68 -12.66 -9.37
N TYR B 362 -6.95 -12.97 -9.57
CA TYR B 362 -7.95 -12.72 -8.54
C TYR B 362 -8.90 -13.91 -8.37
N SER B 363 -8.95 -14.43 -7.15
CA SER B 363 -9.83 -15.56 -6.82
C SER B 363 -10.79 -15.11 -5.71
N GLY B 364 -10.79 -13.80 -5.44
CA GLY B 364 -11.66 -13.25 -4.41
C GLY B 364 -13.14 -13.33 -4.74
N VAL B 365 -13.98 -12.87 -3.82
CA VAL B 365 -15.42 -12.95 -4.00
C VAL B 365 -16.07 -11.87 -4.87
N GLY B 366 -15.33 -10.82 -5.21
CA GLY B 366 -15.90 -9.77 -6.04
C GLY B 366 -16.22 -10.32 -7.42
N GLY B 367 -17.50 -10.38 -7.77
CA GLY B 367 -17.88 -10.91 -9.07
C GLY B 367 -18.36 -12.35 -8.99
N GLY B 368 -18.28 -12.95 -7.80
CA GLY B 368 -18.75 -14.31 -7.63
C GLY B 368 -17.70 -15.37 -7.32
N ARG B 369 -18.16 -16.55 -6.94
CA ARG B 369 -17.28 -17.66 -6.61
C ARG B 369 -16.55 -18.12 -7.86
N ARG B 370 -15.22 -18.13 -7.79
CA ARG B 370 -14.40 -18.53 -8.93
C ARG B 370 -13.97 -19.99 -8.89
N LYS B 371 -13.65 -20.53 -10.06
CA LYS B 371 -13.13 -21.89 -10.19
C LYS B 371 -11.74 -21.67 -10.77
N ILE B 372 -10.87 -22.65 -10.64
CA ILE B 372 -9.53 -22.56 -11.23
C ILE B 372 -9.61 -23.29 -12.57
N GLN B 373 -10.28 -24.43 -12.55
CA GLN B 373 -10.46 -25.23 -13.76
C GLN B 373 -11.94 -25.60 -13.84
N THR B 374 -12.49 -25.60 -15.06
CA THR B 374 -13.89 -25.93 -15.24
C THR B 374 -14.04 -27.11 -16.20
N ASP B 375 -15.06 -27.94 -15.99
CA ASP B 375 -15.26 -29.08 -16.87
C ASP B 375 -16.24 -28.70 -17.98
N ALA B 376 -16.65 -27.44 -17.97
CA ALA B 376 -17.57 -26.90 -18.97
C ALA B 376 -17.47 -25.38 -18.97
N ILE B 377 -17.11 -24.80 -20.11
CA ILE B 377 -16.97 -23.35 -20.23
C ILE B 377 -18.36 -22.71 -20.30
N SER B 378 -18.84 -22.22 -19.16
CA SER B 378 -20.17 -21.61 -19.11
C SER B 378 -20.19 -20.12 -18.81
N GLY B 379 -19.15 -19.61 -18.15
CA GLY B 379 -19.15 -18.19 -17.82
C GLY B 379 -17.81 -17.63 -17.38
N PHE B 380 -17.80 -16.33 -17.13
CA PHE B 380 -16.59 -15.60 -16.72
C PHE B 380 -15.98 -16.08 -15.40
N THR B 381 -16.79 -16.63 -14.51
CA THR B 381 -16.27 -17.09 -13.22
C THR B 381 -15.72 -18.50 -13.24
N ASP B 382 -15.63 -19.12 -14.42
CA ASP B 382 -15.09 -20.47 -14.53
C ASP B 382 -13.58 -20.52 -14.47
N GLY B 383 -12.96 -19.38 -14.21
CA GLY B 383 -11.51 -19.32 -14.11
C GLY B 383 -11.13 -18.09 -13.29
N LEU B 384 -9.88 -18.00 -12.85
CA LEU B 384 -9.48 -16.84 -12.08
C LEU B 384 -9.38 -15.63 -12.99
N SER B 385 -9.66 -14.45 -12.44
CA SER B 385 -9.59 -13.23 -13.23
C SER B 385 -8.15 -12.76 -13.32
N ILE B 386 -7.80 -12.12 -14.43
CA ILE B 386 -6.45 -11.62 -14.63
C ILE B 386 -6.51 -10.11 -14.45
N VAL B 387 -5.82 -9.61 -13.41
CA VAL B 387 -5.83 -8.19 -13.11
C VAL B 387 -4.49 -7.50 -13.32
N LYS B 388 -3.72 -8.04 -14.27
CA LYS B 388 -2.42 -7.50 -14.62
C LYS B 388 -2.51 -6.08 -15.18
N TRP B 389 -3.47 -5.84 -16.07
CA TRP B 389 -3.64 -4.53 -16.67
C TRP B 389 -4.56 -3.70 -15.78
N GLN B 390 -4.13 -2.49 -15.42
CA GLN B 390 -4.94 -1.65 -14.55
C GLN B 390 -5.08 -0.22 -15.01
N ASN B 391 -6.25 0.35 -14.77
CA ASN B 391 -6.47 1.74 -15.12
C ASN B 391 -6.37 2.61 -13.86
N TYR B 392 -5.28 2.42 -13.12
CA TYR B 392 -4.99 3.19 -11.91
C TYR B 392 -3.56 3.64 -12.09
N ARG B 393 -3.25 4.86 -11.65
CA ARG B 393 -1.90 5.39 -11.76
C ARG B 393 -1.09 5.00 -10.53
N SER B 394 0.20 4.72 -10.74
CA SER B 394 1.06 4.36 -9.61
C SER B 394 1.21 5.54 -8.67
N ASP B 395 1.04 6.75 -9.20
CA ASP B 395 1.17 7.96 -8.37
C ASP B 395 -0.12 8.38 -7.69
N GLY B 396 -1.17 7.59 -7.89
CA GLY B 396 -2.46 7.86 -7.26
C GLY B 396 -3.30 9.00 -7.80
N LYS B 397 -2.81 9.69 -8.81
CA LYS B 397 -3.55 10.82 -9.38
C LYS B 397 -4.72 10.37 -10.26
N PRO B 398 -5.65 11.29 -10.56
CA PRO B 398 -6.81 10.95 -11.39
C PRO B 398 -6.48 10.52 -12.81
N VAL B 399 -7.29 9.61 -13.35
CA VAL B 399 -7.12 9.18 -14.74
C VAL B 399 -8.11 10.06 -15.51
N SER B 400 -7.98 10.08 -16.83
CA SER B 400 -8.84 10.94 -17.65
C SER B 400 -10.31 10.56 -17.82
N HIS B 401 -10.63 9.28 -17.67
CA HIS B 401 -12.00 8.84 -17.88
C HIS B 401 -12.43 7.72 -16.94
N ALA B 402 -13.70 7.71 -16.58
CA ALA B 402 -14.22 6.71 -15.66
C ALA B 402 -14.50 5.36 -16.31
N THR B 403 -14.54 5.34 -17.64
CA THR B 403 -14.84 4.11 -18.36
C THR B 403 -13.69 3.63 -19.26
N TYR B 404 -13.17 4.53 -20.08
CA TYR B 404 -12.09 4.20 -21.00
C TYR B 404 -10.74 4.40 -20.31
N PRO B 405 -9.85 3.40 -20.40
CA PRO B 405 -8.54 3.47 -19.76
C PRO B 405 -7.47 4.36 -20.42
N ASP B 406 -6.52 4.82 -19.60
CA ASP B 406 -5.40 5.65 -20.05
C ASP B 406 -4.18 4.78 -20.30
N THR B 407 -4.17 3.59 -19.73
CA THR B 407 -3.04 2.68 -19.82
C THR B 407 -2.46 2.43 -21.21
N ASP B 408 -1.17 2.74 -21.37
CA ASP B 408 -0.49 2.48 -22.65
C ASP B 408 -0.17 1.00 -22.68
N ILE B 409 0.07 0.49 -23.88
CA ILE B 409 0.46 -0.90 -24.03
C ILE B 409 1.96 -0.91 -24.30
N PRO B 410 2.74 -1.50 -23.37
CA PRO B 410 4.20 -1.55 -23.59
C PRO B 410 4.47 -2.71 -24.53
N LEU B 411 4.18 -2.51 -25.81
CA LEU B 411 4.34 -3.56 -26.82
C LEU B 411 5.72 -4.21 -26.77
N PHE B 412 6.76 -3.38 -26.78
CA PHE B 412 8.14 -3.88 -26.69
C PHE B 412 8.67 -3.52 -25.31
N ARG B 413 9.17 -4.52 -24.58
CA ARG B 413 9.74 -4.31 -23.24
C ARG B 413 11.15 -4.90 -23.17
N LEU B 414 12.00 -4.27 -22.38
CA LEU B 414 13.37 -4.76 -22.22
C LEU B 414 13.38 -6.22 -21.75
N ALA B 415 12.39 -6.63 -20.97
CA ALA B 415 12.33 -8.00 -20.48
C ALA B 415 12.39 -9.01 -21.62
N GLU B 416 11.88 -8.64 -22.80
CA GLU B 416 11.92 -9.58 -23.92
C GLU B 416 13.35 -9.90 -24.30
N ALA B 417 14.26 -8.94 -24.18
CA ALA B 417 15.65 -9.17 -24.52
C ALA B 417 16.26 -10.20 -23.57
N TYR B 418 15.94 -10.10 -22.29
CA TYR B 418 16.47 -11.06 -21.31
C TYR B 418 15.97 -12.47 -21.57
N LEU B 419 14.68 -12.64 -21.83
CA LEU B 419 14.15 -13.98 -22.08
C LEU B 419 14.64 -14.52 -23.42
N THR B 420 14.79 -13.65 -24.41
CA THR B 420 15.27 -14.07 -25.72
C THR B 420 16.73 -14.52 -25.61
N ARG B 421 17.53 -13.78 -24.85
CA ARG B 421 18.93 -14.16 -24.70
C ARG B 421 19.03 -15.43 -23.88
N ALA B 422 18.19 -15.55 -22.86
CA ALA B 422 18.19 -16.75 -22.02
C ALA B 422 17.92 -17.97 -22.88
N GLU B 423 16.87 -17.90 -23.69
CA GLU B 423 16.53 -19.03 -24.55
C GLU B 423 17.63 -19.31 -25.58
N ALA B 424 18.19 -18.26 -26.18
CA ALA B 424 19.24 -18.44 -27.17
C ALA B 424 20.48 -19.11 -26.56
N ILE B 425 20.85 -18.68 -25.35
CA ILE B 425 22.00 -19.28 -24.68
C ILE B 425 21.70 -20.74 -24.37
N PHE B 426 20.51 -21.01 -23.86
CA PHE B 426 20.09 -22.37 -23.55
C PHE B 426 20.18 -23.28 -24.77
N ARG B 427 19.62 -22.81 -25.88
CA ARG B 427 19.61 -23.56 -27.14
C ARG B 427 21.02 -23.85 -27.66
N GLN B 428 21.98 -23.01 -27.27
CA GLN B 428 23.36 -23.17 -27.70
C GLN B 428 24.18 -24.01 -26.71
N GLY B 429 23.50 -24.58 -25.73
CA GLY B 429 24.19 -25.40 -24.73
C GLY B 429 24.85 -24.63 -23.60
N GLY B 430 24.48 -23.36 -23.46
CA GLY B 430 25.07 -22.54 -22.40
C GLY B 430 24.25 -22.47 -21.13
N ASP B 431 24.75 -21.68 -20.16
CA ASP B 431 24.11 -21.49 -18.87
C ASP B 431 23.25 -20.22 -18.92
N ALA B 432 21.93 -20.39 -18.96
CA ALA B 432 21.02 -19.27 -19.05
C ALA B 432 20.35 -18.89 -17.73
N THR B 433 20.86 -19.40 -16.61
CA THR B 433 20.28 -19.09 -15.32
C THR B 433 20.33 -17.61 -14.96
N GLY B 434 21.39 -16.94 -15.37
CA GLY B 434 21.56 -15.53 -15.06
C GLY B 434 20.49 -14.62 -15.62
N ASP B 435 20.19 -14.77 -16.90
CA ASP B 435 19.18 -13.91 -17.52
C ASP B 435 17.78 -14.20 -17.00
N ILE B 436 17.51 -15.47 -16.70
CA ILE B 436 16.21 -15.86 -16.18
C ILE B 436 16.04 -15.29 -14.78
N ASN B 437 17.08 -15.39 -13.95
CA ASN B 437 16.97 -14.87 -12.60
C ASN B 437 16.99 -13.35 -12.53
N GLU B 438 17.37 -12.70 -13.63
CA GLU B 438 17.35 -11.25 -13.65
C GLU B 438 15.88 -10.84 -13.58
N LEU B 439 15.05 -11.56 -14.34
CA LEU B 439 13.62 -11.28 -14.35
C LEU B 439 12.94 -11.78 -13.08
N ARG B 440 13.37 -12.92 -12.56
CA ARG B 440 12.77 -13.45 -11.35
C ARG B 440 13.12 -12.56 -10.14
N LYS B 441 14.31 -11.99 -10.13
CA LYS B 441 14.71 -11.09 -9.05
C LYS B 441 13.90 -9.80 -9.12
N ARG B 442 13.66 -9.33 -10.34
CA ARG B 442 12.88 -8.10 -10.51
C ARG B 442 11.49 -8.29 -9.95
N ALA B 443 10.94 -9.49 -10.15
CA ALA B 443 9.60 -9.84 -9.68
C ALA B 443 9.61 -10.28 -8.21
N ASN B 444 10.76 -10.13 -7.55
CA ASN B 444 10.91 -10.51 -6.16
C ASN B 444 10.49 -11.95 -5.89
N CYS B 445 10.90 -12.86 -6.77
CA CYS B 445 10.56 -14.26 -6.62
C CYS B 445 11.29 -14.91 -5.46
N THR B 446 10.56 -15.77 -4.74
CA THR B 446 11.16 -16.49 -3.63
C THR B 446 11.94 -17.68 -4.18
N ARG B 447 11.48 -18.22 -5.31
CA ARG B 447 12.15 -19.35 -5.96
C ARG B 447 13.03 -18.88 -7.10
N LYS B 448 14.31 -19.26 -7.05
CA LYS B 448 15.24 -18.88 -8.11
C LYS B 448 15.53 -20.15 -8.90
N VAL B 449 15.79 -20.00 -10.19
CA VAL B 449 16.07 -21.16 -11.01
C VAL B 449 17.53 -21.58 -10.85
N GLN B 450 17.73 -22.88 -10.63
CA GLN B 450 19.07 -23.42 -10.45
C GLN B 450 19.58 -24.03 -11.75
N THR B 451 18.66 -24.56 -12.54
CA THR B 451 19.00 -25.16 -13.82
C THR B 451 17.88 -24.81 -14.81
N VAL B 452 18.27 -24.33 -15.98
CA VAL B 452 17.29 -23.97 -16.99
C VAL B 452 16.94 -25.18 -17.86
N THR B 453 15.64 -25.35 -18.09
CA THR B 453 15.14 -26.45 -18.91
C THR B 453 14.16 -25.89 -19.91
N GLU B 454 13.79 -26.69 -20.90
CA GLU B 454 12.84 -26.26 -21.92
C GLU B 454 11.54 -25.84 -21.25
N GLN B 455 11.10 -26.65 -20.29
CA GLN B 455 9.86 -26.39 -19.57
C GLN B 455 9.93 -25.11 -18.76
N GLU B 456 11.04 -24.90 -18.07
CA GLU B 456 11.23 -23.70 -17.26
C GLU B 456 11.13 -22.46 -18.14
N LEU B 457 11.77 -22.52 -19.31
CA LEU B 457 11.76 -21.40 -20.25
C LEU B 457 10.39 -21.03 -20.78
N ILE B 458 9.63 -22.01 -21.27
CA ILE B 458 8.31 -21.71 -21.80
C ILE B 458 7.39 -21.22 -20.69
N ASP B 459 7.61 -21.71 -19.47
CA ASP B 459 6.78 -21.29 -18.34
C ASP B 459 7.13 -19.85 -17.97
N GLU B 460 8.41 -19.50 -18.06
CA GLU B 460 8.85 -18.14 -17.74
C GLU B 460 8.34 -17.15 -18.77
N TRP B 461 8.25 -17.58 -20.02
CA TRP B 461 7.71 -16.72 -21.08
C TRP B 461 6.27 -16.38 -20.71
N ALA B 462 5.57 -17.34 -20.12
CA ALA B 462 4.19 -17.12 -19.71
C ALA B 462 4.11 -16.20 -18.50
N ARG B 463 4.91 -16.49 -17.46
CA ARG B 463 4.89 -15.66 -16.26
C ARG B 463 5.23 -14.20 -16.54
N GLU B 464 6.19 -13.97 -17.43
CA GLU B 464 6.60 -12.61 -17.75
C GLU B 464 5.69 -11.87 -18.74
N PHE B 465 5.27 -12.57 -19.79
CA PHE B 465 4.48 -11.92 -20.83
C PHE B 465 3.02 -12.31 -21.02
N TYR B 466 2.42 -13.03 -20.08
CA TYR B 466 1.02 -13.41 -20.28
C TYR B 466 0.13 -12.20 -20.55
N LEU B 467 -0.79 -12.38 -21.48
CA LEU B 467 -1.71 -11.34 -21.91
C LEU B 467 -1.01 -10.13 -22.52
N GLU B 468 0.08 -10.39 -23.25
CA GLU B 468 0.77 -9.33 -23.95
C GLU B 468 0.78 -9.62 -25.47
N GLY B 469 -0.01 -10.60 -25.86
CA GLY B 469 -0.19 -10.94 -27.28
C GLY B 469 0.86 -11.70 -28.06
N ARG B 470 1.67 -12.52 -27.39
CA ARG B 470 2.70 -13.27 -28.08
C ARG B 470 2.73 -14.77 -27.80
N ARG B 471 1.97 -15.23 -26.81
CA ARG B 471 1.99 -16.63 -26.42
C ARG B 471 2.01 -17.69 -27.51
N ARG B 472 1.09 -17.62 -28.45
CA ARG B 472 1.04 -18.62 -29.51
C ARG B 472 2.38 -18.77 -30.24
N SER B 473 3.00 -17.65 -30.57
CA SER B 473 4.28 -17.66 -31.27
C SER B 473 5.33 -18.45 -30.51
N ASP B 474 5.44 -18.21 -29.21
CA ASP B 474 6.42 -18.94 -28.40
C ASP B 474 6.11 -20.43 -28.34
N LEU B 475 4.83 -20.77 -28.19
CA LEU B 475 4.44 -22.17 -28.13
C LEU B 475 4.81 -22.89 -29.42
N VAL B 476 4.59 -22.24 -30.56
CA VAL B 476 4.93 -22.83 -31.85
C VAL B 476 6.42 -23.14 -31.93
N ARG B 477 7.24 -22.18 -31.53
CA ARG B 477 8.69 -22.35 -31.56
C ARG B 477 9.12 -23.54 -30.69
N PHE B 478 8.46 -23.71 -29.55
CA PHE B 478 8.79 -24.80 -28.64
C PHE B 478 8.15 -26.12 -29.05
N GLY B 479 7.46 -26.10 -30.19
CA GLY B 479 6.81 -27.31 -30.68
C GLY B 479 5.73 -27.79 -29.73
N MET B 480 5.04 -26.84 -29.07
CA MET B 480 4.01 -27.16 -28.11
C MET B 480 2.62 -26.60 -28.43
N PHE B 481 2.49 -25.86 -29.52
CA PHE B 481 1.19 -25.28 -29.83
C PHE B 481 0.14 -26.29 -30.27
N THR B 482 0.46 -27.15 -31.22
CA THR B 482 -0.52 -28.13 -31.70
C THR B 482 -0.31 -29.55 -31.18
N THR B 483 0.92 -29.85 -30.80
CA THR B 483 1.32 -31.18 -30.35
C THR B 483 0.88 -31.63 -28.96
N ASN B 484 1.20 -32.89 -28.65
CA ASN B 484 0.87 -33.46 -27.35
C ASN B 484 2.06 -33.25 -26.40
N LYS B 485 3.04 -32.47 -26.83
CA LYS B 485 4.22 -32.18 -26.04
C LYS B 485 3.84 -31.39 -24.80
N TYR B 486 2.76 -30.63 -24.92
CA TYR B 486 2.25 -29.81 -23.82
C TYR B 486 0.74 -29.73 -23.98
N LEU B 487 0.02 -30.27 -23.01
CA LEU B 487 -1.43 -30.23 -23.05
C LEU B 487 -1.92 -29.34 -21.92
N TRP B 488 -2.86 -28.45 -22.21
CA TRP B 488 -3.41 -27.56 -21.21
C TRP B 488 -4.92 -27.68 -21.24
N ASP B 489 -5.59 -27.24 -20.17
CA ASP B 489 -7.03 -27.35 -20.13
C ASP B 489 -7.71 -26.66 -21.32
N TRP B 490 -8.59 -27.42 -21.96
CA TRP B 490 -9.35 -26.97 -23.12
C TRP B 490 -8.54 -26.83 -24.42
N LYS B 491 -7.32 -27.34 -24.43
CA LYS B 491 -6.51 -27.30 -25.66
C LYS B 491 -7.22 -28.19 -26.67
N GLY B 492 -7.47 -27.66 -27.87
CA GLY B 492 -8.15 -28.44 -28.89
C GLY B 492 -9.63 -28.65 -28.57
N GLY B 493 -10.11 -27.97 -27.54
CA GLY B 493 -11.51 -28.10 -27.16
C GLY B 493 -11.77 -29.29 -26.23
N ALA B 494 -10.70 -29.97 -25.81
CA ALA B 494 -10.83 -31.11 -24.92
C ALA B 494 -10.61 -30.67 -23.47
N MET B 495 -11.49 -31.14 -22.58
CA MET B 495 -11.45 -30.78 -21.17
C MET B 495 -10.04 -30.66 -20.58
N ASN B 496 -9.25 -31.72 -20.70
CA ASN B 496 -7.89 -31.71 -20.18
C ASN B 496 -6.87 -31.54 -21.30
N GLY B 497 -7.36 -31.13 -22.46
CA GLY B 497 -6.49 -30.92 -23.59
C GLY B 497 -6.27 -32.13 -24.48
N THR B 498 -5.91 -31.86 -25.73
CA THR B 498 -5.63 -32.89 -26.71
C THR B 498 -4.81 -32.23 -27.81
N SER B 499 -4.22 -33.03 -28.68
CA SER B 499 -3.42 -32.46 -29.76
C SER B 499 -4.31 -32.19 -30.97
N VAL B 500 -3.84 -31.35 -31.88
CA VAL B 500 -4.57 -31.04 -33.10
C VAL B 500 -3.64 -31.19 -34.29
N ALA B 501 -4.16 -31.06 -35.50
CA ALA B 501 -3.34 -31.20 -36.70
C ALA B 501 -2.22 -30.17 -36.72
N SER B 502 -1.03 -30.60 -37.13
CA SER B 502 0.14 -29.74 -37.17
C SER B 502 0.01 -28.54 -38.10
N TYR B 503 -0.88 -28.62 -39.10
CA TYR B 503 -1.03 -27.50 -40.02
C TYR B 503 -1.67 -26.28 -39.35
N TYR B 504 -2.17 -26.47 -38.14
CA TYR B 504 -2.80 -25.38 -37.40
C TYR B 504 -1.75 -24.43 -36.80
N ASN B 505 -0.47 -24.71 -37.03
CA ASN B 505 0.58 -23.84 -36.53
C ASN B 505 0.63 -22.54 -37.33
N LYS B 506 -0.14 -22.51 -38.40
CA LYS B 506 -0.26 -21.32 -39.25
C LYS B 506 -1.75 -21.08 -39.44
N TYR B 507 -2.17 -19.83 -39.46
CA TYR B 507 -3.56 -19.51 -39.70
C TYR B 507 -3.77 -19.63 -41.20
N PRO B 508 -5.01 -19.81 -41.64
CA PRO B 508 -5.26 -19.92 -43.08
C PRO B 508 -5.40 -18.56 -43.73
N ILE B 509 -5.15 -18.51 -45.04
CA ILE B 509 -5.33 -17.26 -45.77
C ILE B 509 -6.85 -17.18 -45.84
N PRO B 510 -7.43 -16.02 -45.49
CA PRO B 510 -8.90 -15.88 -45.54
C PRO B 510 -9.44 -16.27 -46.92
N VAL B 511 -10.57 -16.98 -46.92
CA VAL B 511 -11.18 -17.41 -48.18
C VAL B 511 -11.43 -16.21 -49.10
N SER B 512 -11.79 -15.08 -48.51
CA SER B 512 -12.07 -13.87 -49.28
C SER B 512 -10.84 -13.42 -50.09
N ASP B 513 -9.66 -13.49 -49.49
CA ASP B 513 -8.47 -13.06 -50.22
C ASP B 513 -8.04 -14.09 -51.26
N ILE B 514 -8.35 -15.36 -50.99
CA ILE B 514 -8.03 -16.42 -51.94
C ILE B 514 -8.85 -16.15 -53.20
N ASN B 515 -10.12 -15.82 -53.00
CA ASN B 515 -11.01 -15.54 -54.11
C ASN B 515 -10.70 -14.23 -54.83
N ASN B 516 -10.25 -13.24 -54.08
CA ASN B 516 -9.96 -11.93 -54.65
C ASN B 516 -8.55 -11.76 -55.21
N ASN B 517 -7.60 -12.54 -54.70
CA ASN B 517 -6.22 -12.43 -55.16
C ASN B 517 -5.66 -13.77 -55.62
N ARG B 518 -5.66 -13.99 -56.94
CA ARG B 518 -5.16 -15.23 -57.51
C ARG B 518 -3.67 -15.48 -57.24
N ASN B 519 -2.96 -14.45 -56.77
CA ASN B 519 -1.53 -14.58 -56.48
C ASN B 519 -1.29 -15.34 -55.17
N MET B 520 -2.29 -15.36 -54.31
CA MET B 520 -2.19 -16.02 -53.02
C MET B 520 -2.59 -17.50 -53.06
N SER B 521 -1.84 -18.32 -52.32
CA SER B 521 -2.13 -19.75 -52.24
C SER B 521 -2.47 -20.09 -50.79
N GLN B 522 -3.49 -20.93 -50.61
CA GLN B 522 -3.92 -21.34 -49.28
C GLN B 522 -2.83 -22.13 -48.57
N ASN B 523 -2.81 -22.04 -47.24
CA ASN B 523 -1.81 -22.77 -46.48
C ASN B 523 -2.12 -24.27 -46.46
N GLU B 524 -1.07 -25.06 -46.30
CA GLU B 524 -1.18 -26.50 -46.26
C GLU B 524 -2.13 -27.00 -45.19
N GLY B 525 -2.92 -28.02 -45.52
CA GLY B 525 -3.85 -28.58 -44.55
C GLY B 525 -5.28 -28.07 -44.63
N TYR B 526 -5.45 -26.78 -44.95
CA TYR B 526 -6.79 -26.22 -45.06
C TYR B 526 -7.39 -26.50 -46.42
N LYS B 527 -8.69 -26.27 -46.55
CA LYS B 527 -9.38 -26.51 -47.82
C LYS B 527 -9.40 -25.25 -48.68
#